data_5N22
#
_entry.id   5N22
#
_cell.length_a   107.236
_cell.length_b   57.768
_cell.length_c   70.954
_cell.angle_alpha   90.00
_cell.angle_beta   89.97
_cell.angle_gamma   90.00
#
_symmetry.space_group_name_H-M   'P 1 21 1'
#
loop_
_entity.id
_entity.type
_entity.pdbx_description
1 polymer XEco2
2 polymer GLY-ALA-LYS-LYX-ASP-GLN-TYR-PHE-LEU
3 non-polymer '(2~{S})-2-[2-[3-[[(2~{R})-4-[[[(2~{R},3~{S},4~{R},5~{R})-5-(6-aminopurin-9-yl)-4-oxidanyl-3-phosphonooxy-oxolan-2-yl]methoxy-oxidanyl-phosphoryl]oxy-oxidanyl-phosphoryl]oxy-3,3-dimethyl-2-oxidanyl-butanoyl]amino]propanoylamino]ethylsulfanyl]propanoic acid'
4 water water
#
loop_
_entity_poly.entity_id
_entity_poly.type
_entity_poly.pdbx_seq_one_letter_code
_entity_poly.pdbx_strand_id
1 'polypeptide(L)'
;GSMKKERVITEFWDGKIIMVSPDDPKYALKKAEEVRELVDSELGFQQVSLRCPSQTRTYMFVSNEKKIVGCLIAEPIREA
YRVLAEPPSLHSLHGEPLERHRAWRCSTEPEPAICGISRIWVFALMRRKAIASRMVDAVRSSFMYGSVLTTEEIAFSDPT
PDGKLFASTYCKVPDFLVYNFVS
;
A,B,C,D
2 'polypeptide(L)' RRVIGAKKDQYFL E,G,J,L
#
loop_
_chem_comp.id
_chem_comp.type
_chem_comp.name
_chem_comp.formula
8HB non-polymer '(2~{S})-2-[2-[3-[[(2~{R})-4-[[[(2~{R},3~{S},4~{R},5~{R})-5-(6-aminopurin-9-yl)-4-oxidanyl-3-phosphonooxy-oxolan-2-yl]methoxy-oxidanyl-phosphoryl]oxy-oxidanyl-phosphoryl]oxy-3,3-dimethyl-2-oxidanyl-butanoyl]amino]propanoylamino]ethylsulfanyl]propanoic acid' 'C24 H40 N7 O18 P3 S'
#
# COMPACT_ATOMS: atom_id res chain seq x y z
N SER A 2 -41.00 10.67 -4.38
CA SER A 2 -39.61 10.39 -4.73
C SER A 2 -38.78 9.92 -3.54
N MET A 3 -37.66 9.31 -3.91
CA MET A 3 -36.63 8.91 -2.97
C MET A 3 -36.06 10.13 -2.25
N LYS A 4 -35.92 10.04 -0.93
CA LYS A 4 -35.53 11.21 -0.14
C LYS A 4 -34.15 11.71 -0.53
N LYS A 5 -33.92 13.00 -0.30
CA LYS A 5 -32.63 13.59 -0.62
C LYS A 5 -31.56 13.17 0.37
N GLU A 6 -30.33 13.24 -0.09
CA GLU A 6 -29.18 12.96 0.74
C GLU A 6 -28.89 14.22 1.52
N ARG A 7 -28.56 14.06 2.79
CA ARG A 7 -28.39 15.22 3.66
C ARG A 7 -26.90 15.58 3.76
N VAL A 8 -26.49 16.55 2.94
CA VAL A 8 -25.10 17.04 2.90
C VAL A 8 -24.95 18.16 3.91
N ILE A 9 -23.97 18.03 4.81
CA ILE A 9 -23.71 19.03 5.83
C ILE A 9 -22.68 20.03 5.37
N THR A 10 -21.54 19.52 4.86
CA THR A 10 -20.45 20.35 4.36
C THR A 10 -19.85 19.62 3.18
N GLU A 11 -19.32 20.39 2.22
CA GLU A 11 -18.72 19.84 1.01
C GLU A 11 -17.31 20.36 0.87
N PHE A 12 -16.44 19.51 0.30
CA PHE A 12 -15.02 19.83 0.17
C PHE A 12 -14.50 19.37 -1.18
N TRP A 13 -13.26 19.76 -1.49
CA TRP A 13 -12.69 19.33 -2.76
C TRP A 13 -12.48 17.82 -2.79
N ASP A 14 -12.22 17.22 -1.63
CA ASP A 14 -11.89 15.81 -1.52
C ASP A 14 -13.03 14.96 -0.92
N GLY A 15 -14.22 15.51 -0.80
CA GLY A 15 -15.38 14.73 -0.43
C GLY A 15 -16.42 15.59 0.23
N LYS A 16 -17.42 14.92 0.81
CA LYS A 16 -18.52 15.62 1.45
C LYS A 16 -18.93 14.88 2.71
N ILE A 17 -19.47 15.63 3.66
CA ILE A 17 -19.94 15.04 4.90
C ILE A 17 -21.45 15.01 4.85
N ILE A 18 -22.01 13.80 4.97
CA ILE A 18 -23.46 13.60 5.01
C ILE A 18 -23.84 13.13 6.41
N MET A 19 -25.13 13.17 6.68
CA MET A 19 -25.64 12.75 7.97
C MET A 19 -26.89 11.91 7.81
N VAL A 20 -26.95 10.81 8.55
CA VAL A 20 -28.13 9.98 8.62
C VAL A 20 -28.75 10.22 10.00
N SER A 21 -30.05 10.49 10.01
CA SER A 21 -30.85 10.79 11.18
C SER A 21 -31.77 9.61 11.49
N PRO A 22 -32.28 9.50 12.71
CA PRO A 22 -33.10 8.31 13.06
C PRO A 22 -34.34 8.11 12.20
N ASP A 23 -34.95 9.18 11.72
CA ASP A 23 -36.20 9.08 10.95
C ASP A 23 -36.01 8.90 9.45
N ASP A 24 -34.80 8.57 9.00
CA ASP A 24 -34.52 8.46 7.56
C ASP A 24 -34.99 7.11 7.02
N PRO A 25 -35.03 6.98 5.71
CA PRO A 25 -35.43 5.70 5.10
C PRO A 25 -34.64 4.50 5.60
N LYS A 26 -35.24 3.31 5.44
CA LYS A 26 -34.63 2.12 6.03
C LYS A 26 -33.32 1.76 5.33
N TYR A 27 -33.18 2.02 4.03
CA TYR A 27 -31.91 1.72 3.38
C TYR A 27 -30.79 2.63 3.88
N ALA A 28 -31.12 3.82 4.32
CA ALA A 28 -30.11 4.71 4.88
C ALA A 28 -29.71 4.23 6.27
N LEU A 29 -30.68 4.03 7.16
CA LEU A 29 -30.42 3.48 8.49
C LEU A 29 -29.67 2.16 8.40
N LYS A 30 -29.93 1.38 7.36
CA LYS A 30 -29.23 0.11 7.22
C LYS A 30 -27.79 0.33 6.80
N LYS A 31 -27.54 1.36 5.96
CA LYS A 31 -26.17 1.74 5.64
C LYS A 31 -25.42 2.22 6.88
N ALA A 32 -26.09 3.02 7.72
CA ALA A 32 -25.48 3.51 8.96
C ALA A 32 -25.11 2.35 9.90
N GLU A 33 -25.98 1.35 9.99
CA GLU A 33 -25.72 0.16 10.80
C GLU A 33 -24.50 -0.56 10.25
N GLU A 34 -24.44 -0.73 8.93
CA GLU A 34 -23.31 -1.41 8.31
C GLU A 34 -22.00 -0.72 8.71
N VAL A 35 -22.00 0.61 8.65
CA VAL A 35 -20.78 1.35 8.95
C VAL A 35 -20.42 1.21 10.43
N ARG A 36 -21.42 1.30 11.32
CA ARG A 36 -21.13 1.12 12.75
C ARG A 36 -20.56 -0.25 13.03
N GLU A 37 -21.06 -1.28 12.36
CA GLU A 37 -20.49 -2.61 12.54
C GLU A 37 -19.06 -2.67 12.09
N LEU A 38 -18.75 -2.04 10.96
CA LEU A 38 -17.36 -2.01 10.53
C LEU A 38 -16.47 -1.35 11.58
N VAL A 39 -16.92 -0.23 12.12
CA VAL A 39 -16.09 0.55 13.04
C VAL A 39 -15.86 -0.21 14.36
N ASP A 40 -16.93 -0.79 14.91
CA ASP A 40 -16.80 -1.59 16.13
C ASP A 40 -15.89 -2.78 15.92
N SER A 41 -15.97 -3.42 14.76
CA SER A 41 -15.07 -4.52 14.45
C SER A 41 -13.62 -4.05 14.46
N GLU A 42 -13.32 -2.90 13.84
CA GLU A 42 -11.95 -2.40 13.89
C GLU A 42 -11.57 -2.04 15.33
N LEU A 43 -12.52 -1.60 16.14
CA LEU A 43 -12.19 -1.31 17.53
C LEU A 43 -12.05 -2.58 18.36
N GLY A 44 -12.46 -3.71 17.81
CA GLY A 44 -12.48 -4.96 18.55
C GLY A 44 -13.67 -5.22 19.44
N PHE A 45 -14.83 -4.67 19.11
CA PHE A 45 -16.08 -5.00 19.78
C PHE A 45 -16.85 -6.06 18.99
N GLN A 46 -17.33 -7.09 19.69
CA GLN A 46 -18.24 -8.08 19.10
C GLN A 46 -19.50 -7.42 18.56
N GLN A 47 -20.50 -7.16 19.41
CA GLN A 47 -21.76 -6.56 18.98
C GLN A 47 -22.47 -5.90 20.17
N PRO A 53 -30.11 4.44 19.46
CA PRO A 53 -31.37 4.08 18.80
C PRO A 53 -32.02 5.34 18.20
N SER A 54 -33.11 5.79 18.79
CA SER A 54 -33.91 6.87 18.22
C SER A 54 -33.25 8.22 18.34
N GLN A 55 -32.04 8.29 18.88
CA GLN A 55 -31.37 9.57 19.06
C GLN A 55 -29.97 9.71 18.45
N THR A 56 -29.35 8.66 17.92
CA THR A 56 -28.03 8.85 17.37
C THR A 56 -28.11 9.37 15.94
N ARG A 57 -27.12 10.20 15.59
CA ARG A 57 -26.90 10.66 14.22
C ARG A 57 -25.56 10.12 13.71
N THR A 58 -25.55 9.59 12.51
CA THR A 58 -24.36 9.05 11.91
C THR A 58 -23.90 9.98 10.79
N TYR A 59 -22.76 10.60 11.03
CA TYR A 59 -22.09 11.42 10.06
C TYR A 59 -21.07 10.59 9.29
N MET A 60 -21.04 10.77 7.99
CA MET A 60 -20.14 10.01 7.14
C MET A 60 -19.37 10.95 6.22
N PHE A 61 -18.06 10.80 6.17
CA PHE A 61 -17.24 11.50 5.18
C PHE A 61 -17.15 10.61 3.94
N VAL A 62 -17.67 11.10 2.83
CA VAL A 62 -17.77 10.32 1.60
C VAL A 62 -16.74 10.84 0.60
N SER A 63 -15.88 9.96 0.11
CA SER A 63 -14.82 10.35 -0.81
C SER A 63 -15.40 10.67 -2.19
N ASN A 64 -14.58 11.25 -3.06
CA ASN A 64 -15.15 11.54 -4.37
C ASN A 64 -15.42 10.26 -5.17
N GLU A 65 -14.85 9.14 -4.75
CA GLU A 65 -15.15 7.86 -5.33
C GLU A 65 -16.37 7.21 -4.68
N LYS A 66 -17.13 7.95 -3.89
CA LYS A 66 -18.37 7.48 -3.29
C LYS A 66 -18.12 6.38 -2.27
N LYS A 67 -16.98 6.40 -1.61
CA LYS A 67 -16.69 5.47 -0.53
C LYS A 67 -16.76 6.19 0.81
N ILE A 68 -17.29 5.52 1.82
CA ILE A 68 -17.35 6.08 3.18
C ILE A 68 -15.99 5.85 3.82
N VAL A 69 -15.19 6.91 3.91
CA VAL A 69 -13.84 6.82 4.45
C VAL A 69 -13.76 7.46 5.83
N GLY A 70 -14.87 7.97 6.35
CA GLY A 70 -14.91 8.51 7.69
C GLY A 70 -16.31 8.36 8.26
N CYS A 71 -16.37 8.18 9.55
CA CYS A 71 -17.64 8.03 10.22
C CYS A 71 -17.52 8.62 11.61
N LEU A 72 -18.61 9.26 12.08
CA LEU A 72 -18.71 9.79 13.43
C LEU A 72 -20.14 9.55 13.92
N ILE A 73 -20.30 8.82 15.00
CA ILE A 73 -21.61 8.55 15.55
C ILE A 73 -21.79 9.44 16.76
N ALA A 74 -22.79 10.30 16.71
CA ALA A 74 -23.02 11.26 17.75
C ALA A 74 -24.39 11.00 18.39
N GLU A 75 -24.50 11.34 19.67
CA GLU A 75 -25.71 11.10 20.48
C GLU A 75 -25.84 12.20 21.54
N PRO A 76 -27.06 12.52 21.97
CA PRO A 76 -27.19 13.52 23.03
C PRO A 76 -26.73 12.97 24.38
N ILE A 77 -26.13 13.85 25.17
CA ILE A 77 -25.66 13.57 26.51
C ILE A 77 -25.99 14.82 27.34
N ARG A 78 -25.84 14.70 28.66
CA ARG A 78 -26.08 15.84 29.53
C ARG A 78 -24.85 16.29 30.30
N GLU A 79 -23.93 15.38 30.55
CA GLU A 79 -22.77 15.70 31.34
C GLU A 79 -21.64 14.81 30.84
N ALA A 80 -20.43 15.20 31.21
CA ALA A 80 -19.24 14.44 30.89
C ALA A 80 -18.19 14.86 31.91
N TYR A 81 -17.01 14.20 31.87
CA TYR A 81 -16.01 14.31 32.91
C TYR A 81 -14.65 14.58 32.29
N ARG A 82 -13.90 15.48 32.90
CA ARG A 82 -12.54 15.81 32.47
C ARG A 82 -11.64 14.61 32.68
N VAL A 83 -10.85 14.24 31.68
CA VAL A 83 -9.83 13.22 31.86
C VAL A 83 -8.63 13.86 32.57
N LEU A 84 -8.06 13.12 33.53
CA LEU A 84 -6.99 13.63 34.38
C LEU A 84 -5.71 12.83 34.23
N ALA A 85 -4.62 13.48 34.63
CA ALA A 85 -3.31 12.85 34.57
C ALA A 85 -3.14 11.84 35.70
N GLU A 86 -2.53 10.72 35.38
CA GLU A 86 -2.29 9.74 36.41
C GLU A 86 -0.82 9.76 36.80
N PRO A 87 -0.49 9.81 38.09
CA PRO A 87 0.91 9.72 38.51
C PRO A 87 1.56 8.48 37.90
N PRO A 88 2.65 8.65 37.16
CA PRO A 88 3.34 7.48 36.60
C PRO A 88 3.84 6.57 37.70
N SER A 89 3.94 5.28 37.40
CA SER A 89 4.60 4.33 38.29
C SER A 89 6.09 4.37 38.09
N LEU A 90 6.85 4.24 39.19
CA LEU A 90 8.30 4.39 39.13
C LEU A 90 9.01 3.34 38.26
N HIS A 91 8.66 2.07 38.43
CA HIS A 91 9.29 1.02 37.63
C HIS A 91 8.18 0.37 36.83
N SER A 92 7.40 1.21 36.14
CA SER A 92 6.22 0.82 35.37
C SER A 92 5.47 -0.34 36.01
N ARG A 102 -5.62 -1.00 30.55
CA ARG A 102 -5.24 0.40 30.39
C ARG A 102 -6.36 1.35 30.85
N ALA A 103 -6.21 1.91 32.05
CA ALA A 103 -7.30 2.63 32.70
C ALA A 103 -6.89 4.05 33.09
N TRP A 104 -7.75 5.00 32.78
CA TRP A 104 -7.55 6.40 33.13
C TRP A 104 -8.55 6.80 34.19
N ARG A 105 -8.22 7.87 34.92
CA ARG A 105 -9.06 8.42 35.96
C ARG A 105 -9.50 9.80 35.54
N CYS A 106 -10.77 10.09 35.75
CA CYS A 106 -11.41 11.35 35.39
C CYS A 106 -11.83 12.13 36.63
N SER A 107 -12.08 13.41 36.42
CA SER A 107 -12.67 14.23 37.46
C SER A 107 -14.01 13.67 37.92
N THR A 108 -14.25 13.83 39.22
CA THR A 108 -15.51 13.45 39.82
C THR A 108 -16.58 14.54 39.63
N GLU A 109 -16.18 15.77 39.29
CA GLU A 109 -17.14 16.85 39.05
C GLU A 109 -17.64 16.75 37.62
N PRO A 110 -18.89 16.38 37.37
CA PRO A 110 -19.36 16.40 35.98
C PRO A 110 -19.48 17.83 35.51
N GLU A 111 -19.30 18.02 34.20
CA GLU A 111 -19.55 19.29 33.54
C GLU A 111 -20.64 19.11 32.49
N PRO A 112 -21.44 20.15 32.23
CA PRO A 112 -22.55 20.00 31.28
C PRO A 112 -22.00 19.84 29.87
N ALA A 113 -22.66 18.99 29.09
CA ALA A 113 -22.27 18.77 27.73
C ALA A 113 -23.51 18.35 26.97
N ILE A 114 -23.44 18.52 25.66
CA ILE A 114 -24.59 18.40 24.79
C ILE A 114 -24.47 17.21 23.86
N CYS A 115 -23.27 16.98 23.31
CA CYS A 115 -23.06 16.04 22.22
C CYS A 115 -21.99 15.04 22.61
N GLY A 116 -22.32 13.76 22.52
CA GLY A 116 -21.38 12.71 22.82
C GLY A 116 -20.90 12.10 21.52
N ILE A 117 -19.60 12.12 21.33
CA ILE A 117 -19.00 11.45 20.18
C ILE A 117 -18.76 10.00 20.61
N SER A 118 -19.64 9.11 20.15
CA SER A 118 -19.65 7.72 20.58
C SER A 118 -18.60 6.90 19.83
N ARG A 119 -18.45 7.15 18.55
CA ARG A 119 -17.48 6.52 17.68
C ARG A 119 -16.97 7.55 16.71
N ILE A 120 -15.70 7.43 16.37
CA ILE A 120 -15.14 8.28 15.32
C ILE A 120 -14.09 7.44 14.65
N TRP A 121 -14.13 7.40 13.33
CA TRP A 121 -13.27 6.50 12.58
C TRP A 121 -12.94 7.11 11.22
N VAL A 122 -11.69 6.92 10.79
CA VAL A 122 -11.21 7.27 9.47
C VAL A 122 -10.43 6.10 8.87
N PHE A 123 -10.70 5.81 7.61
CA PHE A 123 -9.99 4.74 6.89
C PHE A 123 -8.48 4.91 7.06
N ALA A 124 -7.82 3.81 7.49
CA ALA A 124 -6.41 3.90 7.90
C ALA A 124 -5.54 4.56 6.82
N LEU A 125 -5.75 4.24 5.57
CA LEU A 125 -4.88 4.85 4.56
C LEU A 125 -5.19 6.33 4.30
N MET A 126 -6.21 6.91 4.94
CA MET A 126 -6.51 8.34 4.75
C MET A 126 -6.43 9.14 6.03
N ARG A 127 -5.74 8.62 7.05
CA ARG A 127 -5.64 9.34 8.30
C ARG A 127 -4.64 10.45 8.15
N ARG A 128 -4.70 11.40 9.09
CA ARG A 128 -3.84 12.59 9.08
C ARG A 128 -4.08 13.47 7.84
N LYS A 129 -5.32 13.46 7.34
CA LYS A 129 -5.80 14.37 6.29
C LYS A 129 -7.00 15.21 6.76
N ALA A 130 -7.14 15.41 8.08
CA ALA A 130 -8.15 16.26 8.71
C ALA A 130 -9.57 15.79 8.41
N ILE A 131 -9.77 14.51 8.09
CA ILE A 131 -11.14 14.02 7.94
C ILE A 131 -11.85 14.01 9.31
N ALA A 132 -11.21 13.48 10.34
CA ALA A 132 -11.84 13.47 11.67
C ALA A 132 -12.12 14.86 12.17
N SER A 133 -11.16 15.79 12.03
CA SER A 133 -11.36 17.17 12.45
C SER A 133 -12.54 17.81 11.73
N ARG A 134 -12.65 17.57 10.44
CA ARG A 134 -13.77 18.19 9.71
C ARG A 134 -15.08 17.52 10.11
N MET A 135 -15.06 16.24 10.44
CA MET A 135 -16.30 15.60 10.88
C MET A 135 -16.74 16.18 12.20
N VAL A 136 -15.81 16.40 13.12
CA VAL A 136 -16.19 17.01 14.40
C VAL A 136 -16.68 18.44 14.17
N ASP A 137 -16.05 19.19 13.24
CA ASP A 137 -16.59 20.51 12.89
C ASP A 137 -18.02 20.42 12.41
N ALA A 138 -18.29 19.47 11.50
CA ALA A 138 -19.64 19.31 10.98
C ALA A 138 -20.63 18.97 12.08
N VAL A 139 -20.26 18.07 13.01
CA VAL A 139 -21.15 17.76 14.13
C VAL A 139 -21.45 19.02 14.95
N ARG A 140 -20.41 19.79 15.28
CA ARG A 140 -20.59 20.99 16.09
C ARG A 140 -21.53 21.97 15.42
N SER A 141 -21.50 22.02 14.09
CA SER A 141 -22.28 22.98 13.31
C SER A 141 -23.72 22.55 13.07
N SER A 142 -24.05 21.29 13.27
CA SER A 142 -25.33 20.77 12.84
C SER A 142 -26.07 19.96 13.90
N PHE A 143 -25.47 19.70 15.05
CA PHE A 143 -26.11 18.80 16.01
C PHE A 143 -27.31 19.47 16.66
N MET A 144 -27.16 20.74 16.98
CA MET A 144 -28.17 21.54 17.67
C MET A 144 -28.61 22.66 16.75
N TYR A 145 -29.87 22.58 16.32
CA TYR A 145 -30.43 23.57 15.41
C TYR A 145 -30.15 24.99 15.91
N GLY A 146 -29.66 25.81 15.00
CA GLY A 146 -29.43 27.23 15.21
C GLY A 146 -28.21 27.61 16.01
N SER A 147 -27.35 26.65 16.34
CA SER A 147 -26.23 26.91 17.22
C SER A 147 -25.00 26.20 16.71
N VAL A 148 -23.84 26.67 17.16
CA VAL A 148 -22.57 26.01 16.94
C VAL A 148 -21.98 25.66 18.29
N LEU A 149 -21.86 24.36 18.56
CA LEU A 149 -21.33 23.86 19.82
C LEU A 149 -19.86 24.20 19.95
N THR A 150 -19.46 24.59 21.15
CA THR A 150 -18.05 24.79 21.46
C THR A 150 -17.36 23.46 21.74
N THR A 151 -16.03 23.50 21.79
CA THR A 151 -15.30 22.28 22.13
C THR A 151 -15.50 21.84 23.58
N GLU A 152 -16.08 22.67 24.44
CA GLU A 152 -16.42 22.29 25.80
C GLU A 152 -17.85 21.75 25.91
N GLU A 153 -18.59 21.69 24.80
CA GLU A 153 -19.90 21.10 24.81
C GLU A 153 -19.90 19.73 24.14
N ILE A 154 -18.73 19.23 23.72
CA ILE A 154 -18.65 17.89 23.15
C ILE A 154 -17.79 17.04 24.10
N ALA A 155 -18.02 15.73 24.08
CA ALA A 155 -17.24 14.80 24.86
C ALA A 155 -17.08 13.56 24.00
N PHE A 156 -16.08 12.75 24.35
CA PHE A 156 -15.73 11.55 23.61
C PHE A 156 -15.92 10.32 24.49
N SER A 157 -16.44 9.23 23.93
CA SER A 157 -16.61 8.05 24.77
C SER A 157 -15.31 7.26 24.83
N ASP A 158 -14.95 6.82 26.04
CA ASP A 158 -13.78 5.97 26.29
C ASP A 158 -12.78 5.96 25.15
N PRO A 159 -11.95 6.97 24.98
CA PRO A 159 -11.09 7.02 23.79
C PRO A 159 -10.05 5.92 23.68
N THR A 160 -9.87 5.45 22.48
CA THR A 160 -8.69 4.67 22.15
C THR A 160 -7.44 5.55 22.30
N PRO A 161 -6.24 4.99 22.26
CA PRO A 161 -5.05 5.88 22.23
C PRO A 161 -5.07 6.84 21.05
N ASP A 162 -5.35 6.36 19.82
CA ASP A 162 -5.53 7.25 18.66
C ASP A 162 -6.51 8.40 18.99
N GLY A 163 -7.65 8.04 19.60
CA GLY A 163 -8.69 9.02 19.88
C GLY A 163 -8.27 10.06 20.91
N LYS A 164 -7.49 9.63 21.90
CA LYS A 164 -7.03 10.58 22.91
C LYS A 164 -6.08 11.57 22.26
N LEU A 165 -5.21 11.10 21.37
CA LEU A 165 -4.31 12.02 20.68
C LEU A 165 -5.09 12.97 19.79
N PHE A 166 -6.13 12.45 19.13
CA PHE A 166 -6.91 13.32 18.26
C PHE A 166 -7.67 14.34 19.09
N ALA A 167 -8.35 13.88 20.14
CA ALA A 167 -9.23 14.73 20.91
C ALA A 167 -8.46 15.85 21.60
N SER A 168 -7.29 15.55 22.15
CA SER A 168 -6.53 16.58 22.85
C SER A 168 -6.03 17.61 21.87
N THR A 169 -5.60 17.19 20.70
CA THR A 169 -5.21 18.15 19.69
C THR A 169 -6.40 18.98 19.25
N TYR A 170 -7.55 18.34 19.00
CA TYR A 170 -8.70 19.07 18.43
C TYR A 170 -9.27 20.06 19.43
N CYS A 171 -9.46 19.62 20.68
CA CYS A 171 -9.98 20.49 21.72
C CYS A 171 -8.92 21.39 22.33
N LYS A 172 -7.65 21.19 21.95
CA LYS A 172 -6.52 22.02 22.34
C LYS A 172 -6.20 21.92 23.83
N VAL A 173 -6.66 20.89 24.51
CA VAL A 173 -6.32 20.69 25.92
C VAL A 173 -6.13 19.21 26.20
N PRO A 174 -5.28 18.88 27.18
CA PRO A 174 -5.12 17.47 27.55
C PRO A 174 -6.32 16.92 28.29
N ASP A 175 -7.02 17.75 29.04
CA ASP A 175 -8.16 17.29 29.86
C ASP A 175 -9.49 17.60 29.16
N PHE A 176 -9.71 16.94 28.02
CA PHE A 176 -10.97 17.09 27.32
C PHE A 176 -12.04 16.22 27.99
N LEU A 177 -13.27 16.36 27.54
CA LEU A 177 -14.40 15.69 28.18
C LEU A 177 -14.59 14.29 27.65
N VAL A 178 -14.91 13.39 28.57
CA VAL A 178 -15.06 11.98 28.28
C VAL A 178 -16.34 11.50 28.98
N TYR A 179 -16.92 10.44 28.45
CA TYR A 179 -18.05 9.74 29.05
C TYR A 179 -17.92 8.27 28.64
N ASN A 180 -18.68 7.39 29.30
CA ASN A 180 -18.54 5.96 29.02
C ASN A 180 -19.51 5.51 27.93
N PHE A 181 -20.82 5.71 28.18
CA PHE A 181 -21.92 5.42 27.26
C PHE A 181 -23.26 5.77 27.89
N VAL A 182 -24.22 6.19 27.07
CA VAL A 182 -25.57 6.51 27.53
C VAL A 182 -26.32 5.19 27.73
N SER A 183 -26.71 4.90 28.98
CA SER A 183 -27.55 3.71 29.24
C SER A 183 -28.95 4.15 29.68
N LYS B 5 -4.50 43.83 -5.32
CA LYS B 5 -5.46 42.80 -5.69
C LYS B 5 -4.75 41.48 -5.97
N GLU B 6 -5.56 40.40 -6.00
CA GLU B 6 -5.05 39.05 -6.14
C GLU B 6 -5.79 38.28 -7.22
N ARG B 7 -5.05 37.41 -7.89
CA ARG B 7 -5.59 36.48 -8.87
C ARG B 7 -5.77 35.12 -8.18
N VAL B 8 -6.99 34.83 -7.69
CA VAL B 8 -7.30 33.59 -7.00
C VAL B 8 -7.70 32.55 -8.03
N ILE B 9 -7.01 31.41 -8.02
CA ILE B 9 -7.34 30.36 -8.98
C ILE B 9 -8.36 29.39 -8.43
N THR B 10 -8.15 28.91 -7.20
CA THR B 10 -9.04 27.97 -6.57
C THR B 10 -8.97 28.24 -5.09
N GLU B 11 -10.08 27.98 -4.37
CA GLU B 11 -10.16 28.17 -2.93
C GLU B 11 -10.65 26.89 -2.28
N PHE B 12 -10.14 26.63 -1.09
CA PHE B 12 -10.39 25.40 -0.37
C PHE B 12 -10.67 25.76 1.07
N TRP B 13 -11.09 24.73 1.83
CA TRP B 13 -11.35 24.90 3.25
C TRP B 13 -10.09 25.30 4.00
N ASP B 14 -8.92 24.89 3.51
CA ASP B 14 -7.67 25.07 4.21
C ASP B 14 -6.73 26.07 3.54
N GLY B 15 -7.21 26.86 2.59
CA GLY B 15 -6.42 27.91 1.98
C GLY B 15 -6.87 28.17 0.54
N LYS B 16 -6.04 28.92 -0.17
CA LYS B 16 -6.35 29.25 -1.54
C LYS B 16 -5.07 29.25 -2.36
N ILE B 17 -5.25 29.07 -3.65
CA ILE B 17 -4.13 29.16 -4.59
C ILE B 17 -4.28 30.45 -5.40
N ILE B 18 -3.26 31.27 -5.35
CA ILE B 18 -3.15 32.48 -6.14
C ILE B 18 -2.02 32.32 -7.13
N MET B 19 -2.01 33.20 -8.11
CA MET B 19 -1.01 33.15 -9.16
C MET B 19 -0.56 34.56 -9.51
N VAL B 20 0.76 34.76 -9.63
CA VAL B 20 1.36 36.00 -10.13
C VAL B 20 1.86 35.77 -11.55
N SER B 21 1.47 36.65 -12.46
CA SER B 21 1.76 36.57 -13.87
C SER B 21 2.88 37.53 -14.24
N PRO B 22 3.55 37.32 -15.37
CA PRO B 22 4.70 38.20 -15.67
C PRO B 22 4.30 39.66 -15.83
N ASP B 23 3.14 39.92 -16.43
CA ASP B 23 2.66 41.27 -16.71
C ASP B 23 1.85 41.88 -15.56
N ASP B 24 1.92 41.30 -14.36
CA ASP B 24 1.22 41.86 -13.22
C ASP B 24 1.97 43.07 -12.73
N PRO B 25 1.37 43.85 -11.83
CA PRO B 25 2.09 44.99 -11.25
C PRO B 25 3.38 44.57 -10.58
N LYS B 26 4.22 45.58 -10.32
CA LYS B 26 5.53 45.37 -9.70
C LYS B 26 5.40 44.90 -8.25
N TYR B 27 4.37 45.32 -7.53
CA TYR B 27 4.28 44.89 -6.14
C TYR B 27 4.01 43.40 -6.06
N ALA B 28 3.32 42.85 -7.06
CA ALA B 28 3.11 41.41 -7.12
C ALA B 28 4.39 40.70 -7.50
N LEU B 29 5.02 41.16 -8.58
CA LEU B 29 6.27 40.59 -9.06
C LEU B 29 7.35 40.60 -7.98
N LYS B 30 7.35 41.59 -7.10
CA LYS B 30 8.34 41.57 -6.03
C LYS B 30 7.99 40.56 -4.94
N LYS B 31 6.71 40.37 -4.65
CA LYS B 31 6.36 39.33 -3.70
C LYS B 31 6.73 37.96 -4.26
N ALA B 32 6.53 37.77 -5.55
CA ALA B 32 6.94 36.52 -6.18
C ALA B 32 8.45 36.29 -5.98
N GLU B 33 9.27 37.35 -6.09
CA GLU B 33 10.71 37.20 -5.88
C GLU B 33 11.04 36.70 -4.49
N GLU B 34 10.44 37.30 -3.46
CA GLU B 34 10.75 36.83 -2.11
C GLU B 34 10.44 35.34 -2.02
N VAL B 35 9.31 34.91 -2.57
CA VAL B 35 8.98 33.51 -2.45
C VAL B 35 9.97 32.67 -3.24
N ARG B 36 10.29 33.10 -4.46
CA ARG B 36 11.20 32.36 -5.33
C ARG B 36 12.59 32.28 -4.70
N GLU B 37 13.07 33.37 -4.08
CA GLU B 37 14.38 33.32 -3.44
C GLU B 37 14.37 32.33 -2.30
N LEU B 38 13.29 32.31 -1.53
CA LEU B 38 13.17 31.37 -0.44
C LEU B 38 13.15 29.94 -0.96
N VAL B 39 12.34 29.71 -2.01
CA VAL B 39 12.19 28.35 -2.54
C VAL B 39 13.52 27.86 -3.11
N ASP B 40 14.18 28.70 -3.90
CA ASP B 40 15.44 28.27 -4.52
C ASP B 40 16.46 27.95 -3.44
N SER B 41 16.51 28.79 -2.40
CA SER B 41 17.40 28.48 -1.29
C SER B 41 17.01 27.17 -0.61
N GLU B 42 15.71 26.94 -0.38
CA GLU B 42 15.29 25.67 0.19
C GLU B 42 15.57 24.50 -0.74
N LEU B 43 15.42 24.71 -2.05
CA LEU B 43 15.73 23.61 -2.95
C LEU B 43 17.21 23.47 -3.27
N GLY B 44 18.04 24.48 -2.97
CA GLY B 44 19.39 24.41 -3.51
C GLY B 44 19.36 24.61 -5.02
N PHE B 45 18.39 25.38 -5.52
CA PHE B 45 18.19 25.57 -6.95
C PHE B 45 19.08 26.71 -7.43
N GLN B 46 19.83 26.44 -8.48
CA GLN B 46 20.60 27.48 -9.13
C GLN B 46 20.32 27.41 -10.61
N GLN B 47 20.04 28.57 -11.20
CA GLN B 47 19.72 28.65 -12.61
C GLN B 47 21.02 28.64 -13.38
N VAL B 48 21.19 27.63 -14.22
CA VAL B 48 22.38 27.49 -15.06
C VAL B 48 22.12 27.90 -16.50
N SER B 49 20.97 27.51 -17.07
CA SER B 49 20.65 27.89 -18.43
C SER B 49 20.25 29.36 -18.47
N LEU B 50 20.31 29.95 -19.67
CA LEU B 50 20.04 31.39 -19.87
C LEU B 50 18.53 31.63 -19.84
N ARG B 51 17.99 31.67 -18.64
CA ARG B 51 16.59 31.98 -18.42
C ARG B 51 16.54 33.03 -17.33
N CYS B 52 15.43 33.75 -17.27
CA CYS B 52 15.20 34.72 -16.21
C CYS B 52 13.77 34.49 -15.75
N PRO B 53 13.44 34.93 -14.60
CA PRO B 53 12.08 34.66 -14.11
C PRO B 53 10.99 35.48 -14.78
N SER B 54 11.31 36.19 -15.89
CA SER B 54 10.35 37.12 -16.47
C SER B 54 9.23 36.43 -17.23
N GLN B 55 9.34 35.16 -17.57
CA GLN B 55 8.24 34.51 -18.28
C GLN B 55 7.61 33.41 -17.42
N THR B 56 8.09 33.25 -16.19
CA THR B 56 7.50 32.30 -15.26
C THR B 56 6.22 32.86 -14.66
N ARG B 57 5.30 31.95 -14.29
CA ARG B 57 4.14 32.26 -13.49
C ARG B 57 4.38 31.64 -12.12
N THR B 58 4.10 32.35 -11.05
CA THR B 58 4.32 31.86 -9.72
C THR B 58 2.96 31.58 -9.07
N TYR B 59 2.70 30.30 -8.82
CA TYR B 59 1.53 29.86 -8.06
C TYR B 59 1.90 29.69 -6.61
N MET B 60 1.01 30.12 -5.71
CA MET B 60 1.24 30.06 -4.27
C MET B 60 0.02 29.51 -3.57
N PHE B 61 0.24 28.53 -2.71
CA PHE B 61 -0.78 28.07 -1.80
C PHE B 61 -0.71 28.91 -0.53
N VAL B 62 -1.79 29.65 -0.26
CA VAL B 62 -1.89 30.55 0.88
C VAL B 62 -2.75 29.89 1.95
N SER B 63 -2.19 29.70 3.14
CA SER B 63 -2.93 29.08 4.24
C SER B 63 -3.97 30.04 4.78
N ASN B 64 -4.82 29.53 5.65
CA ASN B 64 -5.82 30.38 6.26
C ASN B 64 -5.21 31.40 7.22
N GLU B 65 -3.98 31.17 7.69
CA GLU B 65 -3.27 32.18 8.44
C GLU B 65 -2.53 33.14 7.55
N LYS B 66 -2.82 33.14 6.25
CA LYS B 66 -2.26 34.09 5.28
C LYS B 66 -0.75 33.93 5.09
N LYS B 67 -0.27 32.70 5.26
CA LYS B 67 1.13 32.34 5.06
C LYS B 67 1.29 31.53 3.76
N ILE B 68 2.39 31.77 3.05
CA ILE B 68 2.65 31.08 1.80
C ILE B 68 3.35 29.76 2.12
N VAL B 69 2.58 28.66 2.07
CA VAL B 69 3.02 27.35 2.47
C VAL B 69 3.26 26.43 1.28
N GLY B 70 3.08 26.94 0.08
CA GLY B 70 3.31 26.17 -1.12
C GLY B 70 3.64 27.10 -2.23
N CYS B 71 4.54 26.65 -3.06
CA CYS B 71 4.94 27.42 -4.23
C CYS B 71 5.24 26.49 -5.38
N LEU B 72 4.81 26.91 -6.57
CA LEU B 72 5.02 26.21 -7.82
C LEU B 72 5.37 27.28 -8.86
N ILE B 73 6.54 27.17 -9.46
CA ILE B 73 6.98 28.10 -10.49
C ILE B 73 6.90 27.37 -11.82
N ALA B 74 6.12 27.93 -12.74
CA ALA B 74 5.89 27.31 -14.04
C ALA B 74 6.33 28.25 -15.15
N GLU B 75 6.73 27.67 -16.28
CA GLU B 75 7.26 28.41 -17.42
C GLU B 75 6.85 27.69 -18.70
N PRO B 76 6.66 28.41 -19.79
CA PRO B 76 6.30 27.73 -21.04
C PRO B 76 7.46 26.95 -21.62
N ILE B 77 7.14 25.82 -22.22
CA ILE B 77 8.10 24.96 -22.90
C ILE B 77 7.41 24.44 -24.15
N ARG B 78 8.19 23.83 -25.02
CA ARG B 78 7.70 23.24 -26.25
C ARG B 78 7.79 21.74 -26.28
N GLU B 79 8.75 21.15 -25.55
CA GLU B 79 8.92 19.71 -25.60
C GLU B 79 9.53 19.22 -24.29
N ALA B 80 9.43 17.91 -24.06
CA ALA B 80 10.00 17.29 -22.87
C ALA B 80 10.26 15.82 -23.16
N TYR B 81 10.81 15.13 -22.18
CA TYR B 81 11.38 13.81 -22.40
C TYR B 81 10.96 12.85 -21.32
N ARG B 82 10.72 11.60 -21.69
CA ARG B 82 10.42 10.61 -20.67
C ARG B 82 11.62 10.48 -19.75
N VAL B 83 11.37 10.52 -18.44
CA VAL B 83 12.45 10.32 -17.50
C VAL B 83 12.82 8.84 -17.51
N LEU B 84 14.10 8.54 -17.57
CA LEU B 84 14.53 7.16 -17.61
C LEU B 84 15.67 6.98 -16.62
N ALA B 85 15.91 5.74 -16.24
CA ALA B 85 16.96 5.48 -15.26
C ALA B 85 18.35 5.71 -15.85
N GLU B 86 19.24 6.34 -15.04
CA GLU B 86 20.64 6.58 -15.43
C GLU B 86 21.49 5.40 -14.98
N PRO B 87 22.27 4.79 -15.88
CA PRO B 87 23.12 3.64 -15.51
C PRO B 87 24.06 4.00 -14.37
N PRO B 88 23.96 3.30 -13.26
CA PRO B 88 24.91 3.54 -12.16
C PRO B 88 26.33 3.14 -12.54
N SER B 89 27.28 3.78 -11.87
CA SER B 89 28.66 3.37 -11.98
C SER B 89 28.85 2.05 -11.26
N LEU B 90 29.69 1.19 -11.83
CA LEU B 90 29.97 -0.08 -11.19
C LEU B 90 30.59 0.13 -9.82
N HIS B 91 31.48 1.12 -9.72
CA HIS B 91 32.29 1.42 -8.54
C HIS B 91 32.01 2.83 -8.06
N SER B 92 31.94 3.00 -6.74
CA SER B 92 31.86 4.34 -6.16
C SER B 92 31.95 4.24 -4.66
N TRP B 104 16.97 12.10 -13.46
CA TRP B 104 18.34 11.61 -13.67
C TRP B 104 18.81 11.81 -15.10
N ARG B 105 18.16 11.07 -16.00
CA ARG B 105 18.42 11.05 -17.43
C ARG B 105 17.14 11.24 -18.24
N CYS B 106 17.28 11.84 -19.43
CA CYS B 106 16.17 12.06 -20.36
C CYS B 106 16.19 11.02 -21.47
N SER B 107 15.01 10.73 -22.00
CA SER B 107 14.90 10.00 -23.26
C SER B 107 15.38 10.92 -24.38
N THR B 108 15.96 10.33 -25.42
CA THR B 108 16.42 11.16 -26.53
C THR B 108 15.29 11.53 -27.48
N GLU B 109 14.15 10.84 -27.41
CA GLU B 109 12.98 11.15 -28.23
C GLU B 109 12.13 12.22 -27.54
N PRO B 110 12.14 13.47 -28.00
CA PRO B 110 11.30 14.50 -27.36
C PRO B 110 9.84 14.27 -27.68
N GLU B 111 8.98 14.73 -26.76
CA GLU B 111 7.54 14.73 -26.92
C GLU B 111 7.01 16.16 -26.77
N PRO B 112 5.86 16.46 -27.36
CA PRO B 112 5.32 17.80 -27.22
C PRO B 112 4.97 18.04 -25.77
N ALA B 113 5.23 19.27 -25.32
CA ALA B 113 4.85 19.64 -23.96
C ALA B 113 4.58 21.13 -23.94
N ILE B 114 3.78 21.54 -22.96
CA ILE B 114 3.28 22.92 -22.89
C ILE B 114 3.84 23.66 -21.69
N CYS B 115 3.80 23.05 -20.51
CA CYS B 115 4.03 23.73 -19.25
C CYS B 115 5.14 23.03 -18.49
N GLY B 116 6.19 23.78 -18.15
CA GLY B 116 7.32 23.27 -17.38
C GLY B 116 7.25 23.70 -15.93
N ILE B 117 7.25 22.73 -15.04
CA ILE B 117 7.26 23.00 -13.62
C ILE B 117 8.72 23.12 -13.24
N SER B 118 9.15 24.35 -13.06
CA SER B 118 10.55 24.66 -12.81
C SER B 118 10.94 24.44 -11.36
N ARG B 119 10.08 24.84 -10.43
CA ARG B 119 10.27 24.51 -9.01
C ARG B 119 8.93 24.22 -8.38
N ILE B 120 8.94 23.31 -7.41
CA ILE B 120 7.74 23.05 -6.61
C ILE B 120 8.19 22.71 -5.21
N TRP B 121 7.53 23.35 -4.24
CA TRP B 121 7.95 23.31 -2.85
C TRP B 121 6.74 23.46 -1.96
N VAL B 122 6.75 22.68 -0.90
CA VAL B 122 5.73 22.77 0.15
C VAL B 122 6.45 22.78 1.49
N PHE B 123 6.02 23.71 2.34
CA PHE B 123 6.48 23.82 3.71
C PHE B 123 6.48 22.46 4.37
N ALA B 124 7.60 22.10 4.99
CA ALA B 124 7.81 20.72 5.47
C ALA B 124 6.70 20.23 6.40
N LEU B 125 6.27 21.09 7.32
CA LEU B 125 5.24 20.68 8.29
C LEU B 125 3.87 20.50 7.68
N MET B 126 3.70 20.81 6.40
CA MET B 126 2.42 20.73 5.73
C MET B 126 2.47 19.80 4.51
N ARG B 127 3.51 18.96 4.46
CA ARG B 127 3.61 18.04 3.33
C ARG B 127 2.65 16.89 3.53
N ARG B 128 2.36 16.20 2.44
CA ARG B 128 1.41 15.11 2.47
C ARG B 128 -0.01 15.58 2.86
N LYS B 129 -0.36 16.82 2.49
CA LYS B 129 -1.72 17.35 2.61
C LYS B 129 -2.27 17.82 1.26
N ALA B 130 -1.75 17.24 0.17
CA ALA B 130 -2.22 17.49 -1.20
C ALA B 130 -2.06 18.95 -1.63
N ILE B 131 -1.13 19.69 -1.04
CA ILE B 131 -0.85 21.06 -1.47
C ILE B 131 -0.19 21.06 -2.86
N ALA B 132 0.84 20.22 -3.04
CA ALA B 132 1.50 20.14 -4.34
C ALA B 132 0.53 19.65 -5.42
N SER B 133 -0.31 18.67 -5.09
CA SER B 133 -1.23 18.14 -6.09
C SER B 133 -2.23 19.23 -6.53
N ARG B 134 -2.75 20.00 -5.57
CA ARG B 134 -3.71 21.03 -5.91
C ARG B 134 -3.04 22.17 -6.65
N MET B 135 -1.77 22.46 -6.35
CA MET B 135 -1.08 23.49 -7.13
C MET B 135 -0.88 23.03 -8.56
N VAL B 136 -0.54 21.76 -8.79
CA VAL B 136 -0.43 21.32 -10.19
C VAL B 136 -1.82 21.34 -10.89
N ASP B 137 -2.90 20.95 -10.19
CA ASP B 137 -4.25 21.11 -10.75
C ASP B 137 -4.48 22.57 -11.17
N ALA B 138 -4.13 23.51 -10.28
CA ALA B 138 -4.35 24.91 -10.56
C ALA B 138 -3.60 25.35 -11.82
N VAL B 139 -2.36 24.89 -11.96
CA VAL B 139 -1.57 25.19 -13.17
C VAL B 139 -2.22 24.62 -14.41
N ARG B 140 -2.57 23.33 -14.37
CA ARG B 140 -3.23 22.73 -15.52
C ARG B 140 -4.50 23.49 -15.92
N SER B 141 -5.23 24.06 -14.94
CA SER B 141 -6.48 24.74 -15.20
C SER B 141 -6.32 26.14 -15.75
N SER B 142 -5.18 26.80 -15.50
CA SER B 142 -5.06 28.22 -15.67
C SER B 142 -3.84 28.65 -16.43
N PHE B 143 -2.90 27.73 -16.72
CA PHE B 143 -1.65 28.16 -17.33
C PHE B 143 -1.88 28.63 -18.75
N MET B 144 -2.77 27.95 -19.48
CA MET B 144 -3.02 28.26 -20.88
C MET B 144 -4.45 28.73 -21.02
N TYR B 145 -4.61 30.00 -21.44
CA TYR B 145 -5.93 30.57 -21.65
C TYR B 145 -6.77 29.63 -22.50
N GLY B 146 -7.98 29.33 -22.02
CA GLY B 146 -8.90 28.57 -22.81
C GLY B 146 -8.59 27.11 -22.91
N SER B 147 -7.70 26.57 -22.06
CA SER B 147 -7.38 25.16 -22.13
C SER B 147 -7.21 24.61 -20.72
N VAL B 148 -7.37 23.30 -20.63
CA VAL B 148 -7.01 22.56 -19.44
C VAL B 148 -5.99 21.52 -19.85
N LEU B 149 -4.76 21.68 -19.36
CA LEU B 149 -3.68 20.75 -19.67
C LEU B 149 -3.95 19.38 -19.07
N THR B 150 -3.61 18.34 -19.82
CA THR B 150 -3.57 17.00 -19.29
C THR B 150 -2.25 16.77 -18.58
N THR B 151 -2.15 15.64 -17.88
CA THR B 151 -0.89 15.27 -17.23
C THR B 151 0.23 14.92 -18.23
N GLU B 152 -0.08 14.72 -19.51
CA GLU B 152 0.95 14.51 -20.52
C GLU B 152 1.42 15.80 -21.19
N GLU B 153 0.88 16.94 -20.81
CA GLU B 153 1.31 18.22 -21.36
C GLU B 153 2.14 19.04 -20.39
N ILE B 154 2.44 18.48 -19.20
CA ILE B 154 3.30 19.11 -18.21
C ILE B 154 4.55 18.27 -18.03
N ALA B 155 5.63 18.93 -17.63
CA ALA B 155 6.90 18.27 -17.36
C ALA B 155 7.56 18.91 -16.15
N PHE B 156 8.49 18.18 -15.55
CA PHE B 156 9.18 18.64 -14.35
C PHE B 156 10.66 18.90 -14.60
N SER B 157 11.17 19.98 -14.04
CA SER B 157 12.57 20.33 -14.19
C SER B 157 13.40 19.53 -13.18
N ASP B 158 14.44 18.83 -13.68
CA ASP B 158 15.39 18.17 -12.78
C ASP B 158 14.80 17.76 -11.43
N PRO B 159 14.02 16.70 -11.37
CA PRO B 159 13.33 16.37 -10.12
C PRO B 159 14.24 15.84 -9.00
N THR B 160 14.01 16.33 -7.78
CA THR B 160 14.58 15.75 -6.58
C THR B 160 13.99 14.37 -6.31
N PRO B 161 14.55 13.64 -5.36
CA PRO B 161 13.91 12.40 -4.97
C PRO B 161 12.47 12.60 -4.50
N ASP B 162 12.24 13.60 -3.64
CA ASP B 162 10.85 13.94 -3.29
C ASP B 162 10.03 14.23 -4.54
N GLY B 163 10.58 15.04 -5.46
CA GLY B 163 9.79 15.46 -6.59
C GLY B 163 9.40 14.30 -7.47
N LYS B 164 10.32 13.35 -7.65
CA LYS B 164 10.05 12.17 -8.47
C LYS B 164 8.95 11.31 -7.85
N LEU B 165 8.95 11.14 -6.53
CA LEU B 165 7.87 10.41 -5.90
C LEU B 165 6.55 11.13 -6.07
N PHE B 166 6.56 12.45 -5.94
CA PHE B 166 5.32 13.19 -6.16
C PHE B 166 4.88 13.11 -7.63
N ALA B 167 5.81 13.33 -8.56
CA ALA B 167 5.43 13.40 -9.97
C ALA B 167 4.92 12.05 -10.45
N SER B 168 5.58 10.96 -10.04
CA SER B 168 5.13 9.65 -10.47
C SER B 168 3.75 9.35 -9.93
N THR B 169 3.47 9.70 -8.67
CA THR B 169 2.10 9.52 -8.20
C THR B 169 1.15 10.40 -8.97
N TYR B 170 1.49 11.69 -9.11
CA TYR B 170 0.58 12.63 -9.71
C TYR B 170 0.29 12.27 -11.16
N CYS B 171 1.32 11.96 -11.92
CA CYS B 171 1.08 11.59 -13.31
C CYS B 171 0.65 10.14 -13.45
N LYS B 172 0.66 9.37 -12.37
CA LYS B 172 0.22 7.98 -12.39
C LYS B 172 1.14 7.07 -13.20
N VAL B 173 2.34 7.53 -13.57
CA VAL B 173 3.30 6.70 -14.31
C VAL B 173 4.69 6.97 -13.82
N PRO B 174 5.55 5.96 -13.86
CA PRO B 174 6.95 6.18 -13.45
C PRO B 174 7.74 6.99 -14.46
N ASP B 175 7.40 6.93 -15.74
CA ASP B 175 8.15 7.63 -16.77
C ASP B 175 7.41 8.91 -17.19
N PHE B 176 7.30 9.84 -16.25
CA PHE B 176 6.67 11.13 -16.53
C PHE B 176 7.65 12.02 -17.29
N LEU B 177 7.19 13.21 -17.73
CA LEU B 177 7.99 14.10 -18.55
C LEU B 177 8.84 15.03 -17.69
N VAL B 178 10.08 15.25 -18.15
CA VAL B 178 11.09 16.07 -17.50
C VAL B 178 11.76 16.93 -18.57
N TYR B 179 12.41 18.00 -18.14
CA TYR B 179 13.14 18.87 -19.05
C TYR B 179 14.26 19.54 -18.28
N ASN B 180 15.07 20.30 -19.01
CA ASN B 180 16.23 21.03 -18.49
C ASN B 180 17.12 20.13 -17.63
N PHE B 181 17.82 19.26 -18.36
CA PHE B 181 18.86 18.38 -17.83
C PHE B 181 20.03 18.73 -18.73
N VAL B 182 20.73 19.80 -18.35
CA VAL B 182 21.81 20.37 -19.16
C VAL B 182 23.08 19.58 -18.87
N SER B 183 23.35 18.56 -19.68
CA SER B 183 24.53 17.69 -19.52
C SER B 183 25.77 18.42 -19.00
N SER C 2 43.53 -9.24 1.03
CA SER C 2 43.22 -8.22 0.02
C SER C 2 41.77 -8.30 -0.47
N MET C 3 41.38 -7.21 -1.13
CA MET C 3 40.02 -7.00 -1.60
C MET C 3 39.59 -8.10 -2.56
N LYS C 4 38.30 -8.43 -2.52
CA LYS C 4 37.81 -9.59 -3.23
C LYS C 4 37.73 -9.34 -4.74
N LYS C 5 37.94 -10.43 -5.48
CA LYS C 5 37.82 -10.40 -6.93
C LYS C 5 36.39 -10.08 -7.36
N GLU C 6 36.28 -9.60 -8.58
CA GLU C 6 35.03 -9.34 -9.25
C GLU C 6 34.74 -10.61 -10.03
N ARG C 7 33.50 -11.06 -10.02
CA ARG C 7 33.17 -12.34 -10.61
C ARG C 7 32.66 -12.11 -12.03
N VAL C 8 33.53 -12.29 -13.01
CA VAL C 8 33.16 -12.14 -14.41
C VAL C 8 32.62 -13.47 -14.90
N ILE C 9 31.42 -13.45 -15.45
CA ILE C 9 30.80 -14.63 -16.03
C ILE C 9 31.16 -14.77 -17.50
N THR C 10 30.96 -13.69 -18.28
CA THR C 10 31.25 -13.71 -19.70
C THR C 10 31.75 -12.32 -20.11
N GLU C 11 32.58 -12.31 -21.14
CA GLU C 11 33.15 -11.06 -21.63
C GLU C 11 32.87 -10.91 -23.12
N PHE C 12 32.64 -9.66 -23.52
CA PHE C 12 32.30 -9.32 -24.90
C PHE C 12 33.10 -8.09 -25.30
N TRP C 13 33.01 -7.72 -26.59
CA TRP C 13 33.67 -6.53 -27.07
C TRP C 13 33.03 -5.27 -26.51
N ASP C 14 31.76 -5.33 -26.20
CA ASP C 14 31.02 -4.15 -25.75
C ASP C 14 30.70 -4.19 -24.26
N GLY C 15 31.30 -5.09 -23.50
CA GLY C 15 31.16 -5.06 -22.05
C GLY C 15 31.36 -6.44 -21.48
N LYS C 16 30.99 -6.58 -20.21
CA LYS C 16 31.16 -7.87 -19.56
C LYS C 16 30.02 -8.09 -18.59
N ILE C 17 29.71 -9.34 -18.32
CA ILE C 17 28.65 -9.71 -17.41
C ILE C 17 29.29 -10.19 -16.11
N ILE C 18 28.99 -9.49 -15.02
CA ILE C 18 29.47 -9.88 -13.70
C ILE C 18 28.29 -10.36 -12.86
N MET C 19 28.61 -11.01 -11.74
CA MET C 19 27.56 -11.49 -10.88
C MET C 19 27.90 -11.21 -9.41
N VAL C 20 26.90 -10.76 -8.66
CA VAL C 20 27.01 -10.59 -7.23
C VAL C 20 26.23 -11.72 -6.56
N SER C 21 26.87 -12.39 -5.62
CA SER C 21 26.32 -13.49 -4.86
C SER C 21 26.00 -13.04 -3.44
N PRO C 22 25.12 -13.74 -2.72
CA PRO C 22 24.75 -13.29 -1.37
C PRO C 22 25.91 -13.21 -0.37
N ASP C 23 26.92 -14.05 -0.52
CA ASP C 23 28.04 -14.09 0.41
C ASP C 23 29.18 -13.12 0.07
N ASP C 24 28.94 -12.16 -0.82
CA ASP C 24 29.97 -11.21 -1.24
C ASP C 24 30.11 -10.05 -0.26
N PRO C 25 31.17 -9.28 -0.36
CA PRO C 25 31.34 -8.12 0.51
C PRO C 25 30.17 -7.14 0.53
N LYS C 26 30.11 -6.35 1.59
CA LYS C 26 28.97 -5.47 1.77
C LYS C 26 28.92 -4.39 0.71
N TYR C 27 30.07 -3.92 0.23
CA TYR C 27 30.03 -2.88 -0.79
C TYR C 27 29.47 -3.42 -2.10
N ALA C 28 29.63 -4.72 -2.36
CA ALA C 28 29.04 -5.32 -3.54
C ALA C 28 27.52 -5.50 -3.37
N LEU C 29 27.10 -6.09 -2.25
CA LEU C 29 25.68 -6.28 -1.97
C LEU C 29 24.92 -4.96 -2.00
N LYS C 30 25.56 -3.88 -1.57
CA LYS C 30 24.93 -2.57 -1.62
C LYS C 30 24.84 -2.06 -3.06
N LYS C 31 25.85 -2.36 -3.89
CA LYS C 31 25.75 -2.01 -5.30
C LYS C 31 24.60 -2.75 -5.95
N ALA C 32 24.42 -4.05 -5.62
CA ALA C 32 23.28 -4.81 -6.12
C ALA C 32 21.97 -4.23 -5.65
N GLU C 33 21.90 -3.82 -4.38
CA GLU C 33 20.69 -3.21 -3.84
C GLU C 33 20.36 -1.93 -4.59
N GLU C 34 21.38 -1.09 -4.82
CA GLU C 34 21.19 0.15 -5.56
C GLU C 34 20.61 -0.11 -6.94
N VAL C 35 21.13 -1.12 -7.63
CA VAL C 35 20.64 -1.42 -8.98
C VAL C 35 19.21 -1.95 -8.92
N ARG C 36 18.91 -2.81 -7.93
CA ARG C 36 17.54 -3.30 -7.83
C ARG C 36 16.56 -2.17 -7.55
N GLU C 37 16.97 -1.21 -6.73
CA GLU C 37 16.09 -0.07 -6.48
C GLU C 37 15.89 0.73 -7.74
N LEU C 38 16.95 0.92 -8.51
CA LEU C 38 16.78 1.62 -9.79
C LEU C 38 15.77 0.91 -10.70
N VAL C 39 15.87 -0.41 -10.79
CA VAL C 39 15.02 -1.16 -11.72
C VAL C 39 13.56 -1.12 -11.27
N ASP C 40 13.31 -1.38 -9.97
CA ASP C 40 11.94 -1.35 -9.46
C ASP C 40 11.31 0.02 -9.65
N SER C 41 12.08 1.09 -9.47
CA SER C 41 11.56 2.43 -9.72
C SER C 41 11.16 2.60 -11.18
N GLU C 42 11.96 2.12 -12.13
CA GLU C 42 11.54 2.22 -13.52
C GLU C 42 10.30 1.39 -13.79
N LEU C 43 10.15 0.28 -13.07
CA LEU C 43 8.95 -0.54 -13.19
C LEU C 43 7.76 0.08 -12.46
N GLY C 44 7.97 1.14 -11.68
CA GLY C 44 6.94 1.73 -10.87
C GLY C 44 6.60 1.03 -9.58
N PHE C 45 7.55 0.32 -8.97
CA PHE C 45 7.39 -0.24 -7.63
C PHE C 45 8.04 0.70 -6.60
N GLN C 46 7.38 0.88 -5.46
CA GLN C 46 7.93 1.60 -4.31
C GLN C 46 8.67 0.59 -3.42
N GLN C 47 9.73 1.07 -2.77
CA GLN C 47 10.63 0.19 -2.00
C GLN C 47 9.92 -0.86 -1.15
N VAL C 48 9.99 -2.11 -1.61
CA VAL C 48 9.72 -3.33 -0.83
C VAL C 48 9.60 -4.50 -1.81
N PRO C 53 16.62 -12.94 0.35
CA PRO C 53 17.91 -12.36 0.73
C PRO C 53 19.08 -13.24 0.26
N SER C 54 19.44 -14.26 1.04
CA SER C 54 20.62 -15.09 0.81
C SER C 54 20.44 -16.06 -0.36
N GLN C 55 19.47 -15.83 -1.24
CA GLN C 55 19.23 -16.74 -2.35
C GLN C 55 19.30 -16.10 -3.75
N THR C 56 19.15 -14.78 -3.87
CA THR C 56 19.19 -14.19 -5.20
C THR C 56 20.62 -13.90 -5.62
N ARG C 57 20.84 -14.01 -6.92
CA ARG C 57 22.07 -13.59 -7.56
C ARG C 57 21.75 -12.42 -8.49
N THR C 58 22.56 -11.38 -8.43
CA THR C 58 22.38 -10.23 -9.31
C THR C 58 23.46 -10.23 -10.38
N TYR C 59 23.01 -10.45 -11.60
CA TYR C 59 23.85 -10.32 -12.76
C TYR C 59 23.78 -8.92 -13.33
N MET C 60 24.92 -8.38 -13.70
CA MET C 60 25.02 -7.04 -14.25
C MET C 60 25.82 -7.04 -15.54
N PHE C 61 25.30 -6.40 -16.59
CA PHE C 61 26.06 -6.14 -17.80
C PHE C 61 26.74 -4.78 -17.65
N VAL C 62 28.07 -4.78 -17.65
CA VAL C 62 28.87 -3.60 -17.39
C VAL C 62 29.47 -3.14 -18.70
N SER C 63 29.20 -1.90 -19.07
CA SER C 63 29.69 -1.35 -20.33
C SER C 63 31.19 -1.08 -20.21
N ASN C 64 31.83 -0.79 -21.33
CA ASN C 64 33.27 -0.53 -21.29
C ASN C 64 33.60 0.77 -20.58
N GLU C 65 32.64 1.68 -20.46
CA GLU C 65 32.78 2.88 -19.64
C GLU C 65 32.46 2.60 -18.19
N LYS C 66 32.33 1.32 -17.86
CA LYS C 66 32.18 0.86 -16.48
C LYS C 66 30.86 1.33 -15.87
N LYS C 67 29.81 1.40 -16.68
CA LYS C 67 28.45 1.67 -16.23
C LYS C 67 27.61 0.39 -16.30
N ILE C 68 26.74 0.20 -15.32
CA ILE C 68 25.81 -0.95 -15.28
C ILE C 68 24.63 -0.61 -16.18
N VAL C 69 24.58 -1.22 -17.37
CA VAL C 69 23.54 -0.91 -18.38
C VAL C 69 22.56 -2.05 -18.55
N GLY C 70 22.71 -3.12 -17.81
CA GLY C 70 21.79 -4.24 -17.85
C GLY C 70 21.85 -4.94 -16.51
N CYS C 71 20.72 -5.49 -16.10
CA CYS C 71 20.67 -6.16 -14.82
C CYS C 71 19.68 -7.29 -14.93
N LEU C 72 19.99 -8.42 -14.28
CA LEU C 72 19.08 -9.55 -14.20
C LEU C 72 19.14 -10.10 -12.78
N ILE C 73 18.03 -10.10 -12.08
CA ILE C 73 17.98 -10.66 -10.75
C ILE C 73 17.36 -12.04 -10.84
N ALA C 74 18.11 -13.03 -10.37
CA ALA C 74 17.70 -14.42 -10.46
C ALA C 74 17.62 -15.04 -9.06
N GLU C 75 16.73 -16.03 -8.93
CA GLU C 75 16.44 -16.68 -7.65
C GLU C 75 16.00 -18.11 -7.92
N PRO C 76 16.28 -19.03 -7.00
CA PRO C 76 15.81 -20.41 -7.21
C PRO C 76 14.32 -20.51 -7.07
N ILE C 77 13.73 -21.41 -7.87
CA ILE C 77 12.30 -21.73 -7.83
C ILE C 77 12.17 -23.23 -8.04
N ARG C 78 10.99 -23.76 -7.81
CA ARG C 78 10.79 -25.18 -8.06
C ARG C 78 9.81 -25.46 -9.18
N GLU C 79 8.90 -24.54 -9.44
CA GLU C 79 7.87 -24.73 -10.44
C GLU C 79 7.50 -23.36 -11.02
N ALA C 80 6.83 -23.41 -12.17
CA ALA C 80 6.34 -22.22 -12.85
C ALA C 80 5.17 -22.66 -13.74
N TYR C 81 4.52 -21.71 -14.41
CA TYR C 81 3.26 -21.96 -15.09
C TYR C 81 3.32 -21.35 -16.47
N ARG C 82 2.84 -22.12 -17.44
CA ARG C 82 2.75 -21.69 -18.84
C ARG C 82 1.76 -20.56 -18.99
N VAL C 83 2.16 -19.50 -19.64
CA VAL C 83 1.22 -18.43 -19.97
C VAL C 83 0.37 -18.88 -21.15
N LEU C 84 -0.94 -18.63 -21.07
CA LEU C 84 -1.91 -19.10 -22.05
C LEU C 84 -2.59 -17.95 -22.76
N ALA C 85 -3.16 -18.26 -23.91
CA ALA C 85 -3.83 -17.25 -24.72
C ALA C 85 -5.20 -16.88 -24.13
N GLU C 86 -5.54 -15.62 -24.23
CA GLU C 86 -6.83 -15.19 -23.77
C GLU C 86 -7.75 -14.91 -24.95
N PRO C 87 -8.95 -15.47 -24.98
CA PRO C 87 -9.91 -15.12 -26.04
C PRO C 87 -10.11 -13.61 -26.10
N PRO C 88 -9.90 -12.97 -27.24
CA PRO C 88 -10.11 -11.53 -27.31
C PRO C 88 -11.56 -11.18 -26.99
N SER C 89 -11.75 -10.01 -26.40
CA SER C 89 -13.09 -9.47 -26.25
C SER C 89 -13.51 -8.83 -27.56
N LEU C 90 -14.78 -9.02 -27.91
CA LEU C 90 -15.24 -8.52 -29.21
C LEU C 90 -15.14 -6.99 -29.30
N HIS C 91 -15.42 -6.27 -28.21
CA HIS C 91 -15.34 -4.80 -28.26
C HIS C 91 -14.23 -4.31 -27.33
N ARG C 102 -4.02 -4.97 -17.57
CA ARG C 102 -4.00 -6.18 -18.38
C ARG C 102 -3.65 -7.38 -17.47
N ALA C 103 -4.49 -8.41 -17.52
CA ALA C 103 -4.32 -9.59 -16.69
C ALA C 103 -4.31 -10.82 -17.57
N TRP C 104 -3.36 -11.72 -17.32
CA TRP C 104 -3.17 -12.91 -18.11
C TRP C 104 -3.51 -14.13 -17.27
N ARG C 105 -3.87 -15.20 -17.96
CA ARG C 105 -4.24 -16.43 -17.29
C ARG C 105 -3.24 -17.48 -17.73
N CYS C 106 -2.77 -18.26 -16.76
CA CYS C 106 -1.75 -19.28 -16.96
C CYS C 106 -2.33 -20.67 -16.81
N SER C 107 -1.55 -21.64 -17.26
CA SER C 107 -1.88 -23.03 -17.01
C SER C 107 -1.99 -23.33 -15.53
N THR C 108 -2.95 -24.19 -15.21
CA THR C 108 -3.13 -24.64 -13.85
C THR C 108 -2.18 -25.79 -13.50
N GLU C 109 -1.60 -26.43 -14.52
CA GLU C 109 -0.66 -27.53 -14.31
C GLU C 109 0.74 -26.94 -14.14
N PRO C 110 1.33 -26.98 -12.95
CA PRO C 110 2.68 -26.42 -12.79
C PRO C 110 3.72 -27.29 -13.49
N GLU C 111 4.80 -26.66 -13.95
CA GLU C 111 5.90 -27.43 -14.50
C GLU C 111 7.17 -27.16 -13.68
N PRO C 112 8.04 -28.17 -13.56
CA PRO C 112 9.24 -27.97 -12.76
C PRO C 112 10.15 -26.98 -13.42
N ALA C 113 10.79 -26.16 -12.59
CA ALA C 113 11.70 -25.14 -13.07
C ALA C 113 12.70 -24.89 -11.98
N ILE C 114 13.83 -24.31 -12.38
CA ILE C 114 14.98 -24.19 -11.51
C ILE C 114 15.28 -22.73 -11.18
N CYS C 115 15.20 -21.85 -12.18
CA CYS C 115 15.71 -20.48 -12.08
C CYS C 115 14.59 -19.49 -12.39
N GLY C 116 14.33 -18.58 -11.46
CA GLY C 116 13.32 -17.56 -11.64
C GLY C 116 13.99 -16.24 -11.96
N ILE C 117 13.64 -15.68 -13.11
CA ILE C 117 14.14 -14.37 -13.49
C ILE C 117 13.19 -13.37 -12.86
N SER C 118 13.63 -12.79 -11.75
CA SER C 118 12.76 -11.93 -10.95
C SER C 118 12.65 -10.54 -11.54
N ARG C 119 13.76 -10.02 -12.04
CA ARG C 119 13.81 -8.71 -12.68
C ARG C 119 14.78 -8.82 -13.85
N ILE C 120 14.51 -8.10 -14.92
CA ILE C 120 15.49 -8.00 -15.99
C ILE C 120 15.33 -6.64 -16.59
N TRP C 121 16.44 -5.93 -16.78
CA TRP C 121 16.39 -4.55 -17.19
C TRP C 121 17.61 -4.24 -18.04
N VAL C 122 17.36 -3.43 -19.06
CA VAL C 122 18.42 -2.87 -19.88
C VAL C 122 18.19 -1.37 -20.05
N PHE C 123 19.25 -0.59 -19.89
CA PHE C 123 19.20 0.85 -20.11
C PHE C 123 18.51 1.19 -21.43
N ALA C 124 17.52 2.11 -21.36
CA ALA C 124 16.65 2.37 -22.52
C ALA C 124 17.44 2.71 -23.78
N LEU C 125 18.45 3.55 -23.68
CA LEU C 125 19.16 3.86 -24.93
C LEU C 125 20.02 2.71 -25.45
N MET C 126 20.11 1.57 -24.74
CA MET C 126 20.93 0.46 -25.21
C MET C 126 20.14 -0.81 -25.48
N ARG C 127 18.82 -0.70 -25.63
CA ARG C 127 17.98 -1.84 -25.90
C ARG C 127 18.11 -2.28 -27.34
N ARG C 128 17.69 -3.51 -27.58
CA ARG C 128 17.75 -4.14 -28.90
C ARG C 128 19.20 -4.29 -29.39
N LYS C 129 20.11 -4.46 -28.44
CA LYS C 129 21.49 -4.84 -28.71
C LYS C 129 21.86 -6.18 -28.02
N ALA C 130 20.87 -7.02 -27.74
CA ALA C 130 21.07 -8.36 -27.16
C ALA C 130 21.77 -8.34 -25.79
N ILE C 131 21.63 -7.25 -25.02
CA ILE C 131 22.11 -7.27 -23.65
C ILE C 131 21.29 -8.26 -22.81
N ALA C 132 19.96 -8.17 -22.89
CA ALA C 132 19.10 -9.05 -22.12
C ALA C 132 19.30 -10.52 -22.50
N SER C 133 19.39 -10.81 -23.81
CA SER C 133 19.59 -12.20 -24.24
C SER C 133 20.91 -12.74 -23.70
N ARG C 134 21.98 -11.93 -23.74
CA ARG C 134 23.27 -12.42 -23.26
C ARG C 134 23.26 -12.57 -21.74
N MET C 135 22.54 -11.70 -21.05
CA MET C 135 22.41 -11.87 -19.60
C MET C 135 21.66 -13.15 -19.29
N VAL C 136 20.60 -13.46 -20.04
CA VAL C 136 19.89 -14.71 -19.75
C VAL C 136 20.77 -15.92 -20.08
N ASP C 137 21.58 -15.84 -21.17
CA ASP C 137 22.56 -16.88 -21.46
C ASP C 137 23.50 -17.10 -20.29
N ALA C 138 24.01 -16.02 -19.72
CA ALA C 138 24.96 -16.11 -18.61
C ALA C 138 24.32 -16.77 -17.40
N VAL C 139 23.07 -16.41 -17.10
CA VAL C 139 22.36 -17.07 -15.99
C VAL C 139 22.22 -18.56 -16.25
N ARG C 140 21.76 -18.93 -17.46
CA ARG C 140 21.58 -20.35 -17.74
C ARG C 140 22.89 -21.09 -17.59
N SER C 141 24.01 -20.44 -17.91
CA SER C 141 25.33 -21.08 -17.88
C SER C 141 25.95 -21.15 -16.48
N SER C 142 25.47 -20.38 -15.52
CA SER C 142 26.18 -20.21 -14.27
C SER C 142 25.31 -20.37 -13.05
N PHE C 143 24.00 -20.54 -13.20
CA PHE C 143 23.14 -20.55 -12.02
C PHE C 143 23.34 -21.83 -11.24
N MET C 144 23.45 -22.96 -11.95
CA MET C 144 23.56 -24.30 -11.39
C MET C 144 24.93 -24.87 -11.74
N TYR C 145 25.77 -25.02 -10.73
CA TYR C 145 27.14 -25.47 -10.94
C TYR C 145 27.17 -26.75 -11.78
N GLY C 146 28.02 -26.73 -12.80
CA GLY C 146 28.27 -27.87 -13.66
C GLY C 146 27.21 -28.17 -14.69
N SER C 147 26.23 -27.30 -14.87
CA SER C 147 25.12 -27.58 -15.78
C SER C 147 24.79 -26.32 -16.56
N VAL C 148 24.11 -26.50 -17.68
CA VAL C 148 23.54 -25.40 -18.43
C VAL C 148 22.05 -25.61 -18.51
N LEU C 149 21.30 -24.66 -17.95
CA LEU C 149 19.84 -24.72 -17.94
C LEU C 149 19.28 -24.57 -19.34
N THR C 150 18.22 -25.33 -19.64
CA THR C 150 17.46 -25.12 -20.87
C THR C 150 16.47 -23.96 -20.70
N THR C 151 15.89 -23.52 -21.82
CA THR C 151 14.88 -22.48 -21.77
C THR C 151 13.58 -22.93 -21.12
N GLU C 152 13.37 -24.25 -20.90
CA GLU C 152 12.24 -24.76 -20.14
C GLU C 152 12.54 -24.92 -18.65
N GLU C 153 13.76 -24.58 -18.22
CA GLU C 153 14.06 -24.58 -16.81
C GLU C 153 14.13 -23.17 -16.24
N ILE C 154 13.84 -22.15 -17.05
CA ILE C 154 13.82 -20.78 -16.53
C ILE C 154 12.40 -20.25 -16.64
N ALA C 155 12.06 -19.31 -15.77
CA ALA C 155 10.76 -18.68 -15.78
C ALA C 155 10.97 -17.21 -15.45
N PHE C 156 10.01 -16.39 -15.84
CA PHE C 156 10.05 -14.94 -15.66
C PHE C 156 8.89 -14.55 -14.74
N SER C 157 9.14 -13.65 -13.81
CA SER C 157 8.08 -13.22 -12.91
C SER C 157 7.24 -12.14 -13.59
N ASP C 158 5.88 -12.23 -13.42
CA ASP C 158 4.92 -11.23 -13.91
C ASP C 158 5.48 -10.31 -14.97
N PRO C 159 5.63 -10.74 -16.22
CA PRO C 159 6.32 -9.89 -17.20
C PRO C 159 5.57 -8.61 -17.54
N THR C 160 6.32 -7.56 -17.69
CA THR C 160 5.84 -6.35 -18.34
C THR C 160 5.54 -6.68 -19.81
N PRO C 161 4.87 -5.81 -20.56
CA PRO C 161 4.73 -6.08 -22.01
C PRO C 161 6.06 -6.25 -22.73
N ASP C 162 7.05 -5.35 -22.47
CA ASP C 162 8.42 -5.54 -23.00
C ASP C 162 8.95 -6.95 -22.69
N GLY C 163 8.80 -7.36 -21.43
CA GLY C 163 9.35 -8.62 -21.00
C GLY C 163 8.68 -9.81 -21.67
N LYS C 164 7.37 -9.71 -21.89
CA LYS C 164 6.67 -10.79 -22.55
C LYS C 164 7.15 -10.92 -23.99
N LEU C 165 7.37 -9.80 -24.64
CA LEU C 165 7.92 -9.83 -26.01
C LEU C 165 9.33 -10.40 -26.02
N PHE C 166 10.16 -10.00 -25.04
CA PHE C 166 11.51 -10.52 -25.00
C PHE C 166 11.51 -12.01 -24.72
N ALA C 167 10.73 -12.44 -23.72
CA ALA C 167 10.77 -13.82 -23.27
C ALA C 167 10.28 -14.77 -24.34
N SER C 168 9.22 -14.40 -25.07
CA SER C 168 8.68 -15.28 -26.08
C SER C 168 9.65 -15.42 -27.25
N THR C 169 10.34 -14.34 -27.59
CA THR C 169 11.39 -14.45 -28.59
C THR C 169 12.56 -15.31 -28.09
N TYR C 170 13.03 -15.03 -26.87
CA TYR C 170 14.22 -15.71 -26.36
C TYR C 170 13.97 -17.20 -26.21
N CYS C 171 12.84 -17.56 -25.63
CA CYS C 171 12.47 -18.94 -25.43
C CYS C 171 11.85 -19.58 -26.65
N LYS C 172 11.61 -18.82 -27.72
CA LYS C 172 11.12 -19.32 -28.98
C LYS C 172 9.71 -19.90 -28.88
N VAL C 173 8.94 -19.54 -27.87
CA VAL C 173 7.55 -19.97 -27.77
C VAL C 173 6.69 -18.88 -27.16
N PRO C 174 5.38 -18.83 -27.49
CA PRO C 174 4.51 -17.84 -26.84
C PRO C 174 4.16 -18.22 -25.42
N ASP C 175 4.08 -19.50 -25.12
CA ASP C 175 3.70 -19.96 -23.79
C ASP C 175 4.94 -20.34 -22.98
N PHE C 176 5.75 -19.33 -22.66
CA PHE C 176 6.92 -19.53 -21.80
C PHE C 176 6.48 -19.55 -20.34
N LEU C 177 7.42 -19.83 -19.46
CA LEU C 177 7.11 -20.04 -18.05
C LEU C 177 7.11 -18.76 -17.25
N VAL C 178 6.14 -18.68 -16.34
CA VAL C 178 5.89 -17.49 -15.53
C VAL C 178 5.67 -17.93 -14.08
N TYR C 179 6.01 -17.03 -13.15
CA TYR C 179 5.70 -17.18 -11.74
C TYR C 179 5.44 -15.77 -11.23
N ASN C 180 4.86 -15.67 -10.04
CA ASN C 180 4.54 -14.36 -9.45
C ASN C 180 5.71 -13.84 -8.62
N PHE C 181 6.12 -14.63 -7.62
CA PHE C 181 7.25 -14.35 -6.72
C PHE C 181 7.36 -15.51 -5.72
N VAL C 182 8.54 -15.66 -5.14
CA VAL C 182 8.83 -16.73 -4.18
C VAL C 182 8.20 -16.37 -2.82
N SER C 183 7.25 -17.20 -2.37
CA SER C 183 6.58 -17.03 -1.07
C SER C 183 5.80 -15.73 -0.97
N LYS D 5 3.46 -44.47 9.65
CA LYS D 5 2.88 -43.86 8.47
C LYS D 5 2.40 -42.45 8.76
N GLU D 6 1.97 -42.20 10.01
CA GLU D 6 1.45 -40.91 10.43
C GLU D 6 2.48 -40.11 11.21
N ARG D 7 2.51 -38.81 10.92
CA ARG D 7 3.31 -37.82 11.65
C ARG D 7 2.34 -37.13 12.63
N VAL D 8 2.33 -37.59 13.89
CA VAL D 8 1.45 -37.08 14.94
C VAL D 8 2.11 -35.91 15.61
N ILE D 9 1.43 -34.76 15.65
CA ILE D 9 2.02 -33.57 16.26
C ILE D 9 1.65 -33.48 17.74
N THR D 10 0.37 -33.61 18.03
CA THR D 10 -0.16 -33.51 19.38
C THR D 10 -1.33 -34.46 19.44
N GLU D 11 -1.58 -35.02 20.64
CA GLU D 11 -2.68 -35.92 20.89
C GLU D 11 -3.50 -35.43 22.07
N PHE D 12 -4.80 -35.69 21.98
CA PHE D 12 -5.75 -35.17 22.93
C PHE D 12 -6.72 -36.28 23.30
N TRP D 13 -7.56 -35.99 24.30
CA TRP D 13 -8.58 -36.93 24.70
C TRP D 13 -9.60 -37.14 23.59
N ASP D 14 -9.83 -36.15 22.74
CA ASP D 14 -10.87 -36.24 21.74
C ASP D 14 -10.33 -36.37 20.31
N GLY D 15 -9.06 -36.68 20.14
CA GLY D 15 -8.50 -36.92 18.82
C GLY D 15 -7.02 -36.57 18.83
N LYS D 16 -6.44 -36.47 17.63
CA LYS D 16 -5.04 -36.14 17.47
C LYS D 16 -4.83 -35.26 16.23
N ILE D 17 -3.75 -34.52 16.22
CA ILE D 17 -3.42 -33.70 15.08
C ILE D 17 -2.23 -34.32 14.36
N ILE D 18 -2.41 -34.64 13.09
CA ILE D 18 -1.35 -35.14 12.25
C ILE D 18 -1.03 -34.10 11.18
N MET D 19 0.11 -34.29 10.55
CA MET D 19 0.57 -33.36 9.53
C MET D 19 1.19 -34.13 8.37
N VAL D 20 0.83 -33.73 7.14
CA VAL D 20 1.46 -34.25 5.92
C VAL D 20 2.38 -33.17 5.34
N SER D 21 3.60 -33.56 5.07
CA SER D 21 4.65 -32.69 4.57
C SER D 21 4.85 -32.90 3.08
N PRO D 22 5.35 -31.92 2.34
CA PRO D 22 5.43 -32.14 0.87
C PRO D 22 6.38 -33.26 0.50
N ASP D 23 7.43 -33.47 1.28
CA ASP D 23 8.40 -34.53 1.01
C ASP D 23 7.98 -35.88 1.60
N ASP D 24 6.71 -36.04 2.00
CA ASP D 24 6.24 -37.30 2.55
C ASP D 24 5.99 -38.27 1.41
N PRO D 25 5.72 -39.53 1.72
CA PRO D 25 5.37 -40.52 0.69
C PRO D 25 4.20 -40.08 -0.16
N LYS D 26 4.04 -40.79 -1.28
CA LYS D 26 2.98 -40.54 -2.25
C LYS D 26 1.61 -40.88 -1.66
N TYR D 27 1.52 -41.90 -0.81
CA TYR D 27 0.22 -42.24 -0.24
C TYR D 27 -0.25 -41.16 0.74
N ALA D 28 0.69 -40.46 1.37
CA ALA D 28 0.32 -39.38 2.27
C ALA D 28 -0.17 -38.16 1.49
N LEU D 29 0.66 -37.72 0.53
CA LEU D 29 0.35 -36.56 -0.29
C LEU D 29 -1.00 -36.74 -0.98
N LYS D 30 -1.35 -37.97 -1.33
CA LYS D 30 -2.62 -38.21 -2.00
C LYS D 30 -3.80 -38.08 -1.02
N LYS D 31 -3.63 -38.53 0.23
CA LYS D 31 -4.72 -38.33 1.19
C LYS D 31 -4.91 -36.83 1.47
N ALA D 32 -3.80 -36.09 1.55
CA ALA D 32 -3.88 -34.65 1.73
C ALA D 32 -4.68 -34.01 0.59
N GLU D 33 -4.49 -34.48 -0.66
CA GLU D 33 -5.29 -33.94 -1.77
C GLU D 33 -6.76 -34.16 -1.56
N GLU D 34 -7.18 -35.37 -1.17
CA GLU D 34 -8.60 -35.59 -0.94
C GLU D 34 -9.14 -34.61 0.07
N VAL D 35 -8.40 -34.40 1.15
CA VAL D 35 -8.89 -33.47 2.16
C VAL D 35 -8.91 -32.07 1.62
N ARG D 36 -7.86 -31.66 0.92
CA ARG D 36 -7.83 -30.32 0.35
C ARG D 36 -8.98 -30.09 -0.62
N GLU D 37 -9.30 -31.08 -1.46
CA GLU D 37 -10.41 -30.90 -2.40
C GLU D 37 -11.73 -30.71 -1.66
N LEU D 38 -11.92 -31.46 -0.57
CA LEU D 38 -13.12 -31.28 0.21
C LEU D 38 -13.16 -29.89 0.84
N VAL D 39 -12.05 -29.47 1.46
CA VAL D 39 -12.06 -28.20 2.17
C VAL D 39 -12.28 -27.04 1.21
N ASP D 40 -11.61 -27.05 0.06
CA ASP D 40 -11.76 -25.99 -0.93
C ASP D 40 -13.18 -25.92 -1.45
N SER D 41 -13.78 -27.08 -1.73
CA SER D 41 -15.17 -27.10 -2.12
C SER D 41 -16.06 -26.53 -1.03
N GLU D 42 -15.83 -26.91 0.23
CA GLU D 42 -16.63 -26.35 1.30
C GLU D 42 -16.40 -24.86 1.48
N LEU D 43 -15.17 -24.40 1.32
CA LEU D 43 -14.91 -22.98 1.45
C LEU D 43 -15.25 -22.17 0.22
N GLY D 44 -15.47 -22.82 -0.94
CA GLY D 44 -15.55 -22.03 -2.15
C GLY D 44 -14.18 -21.43 -2.48
N PHE D 45 -13.10 -22.14 -2.18
CA PHE D 45 -11.76 -21.61 -2.35
C PHE D 45 -11.33 -21.87 -3.78
N GLN D 46 -10.87 -20.83 -4.44
CA GLN D 46 -10.27 -20.95 -5.76
C GLN D 46 -8.85 -20.42 -5.71
N GLN D 47 -7.94 -21.19 -6.28
CA GLN D 47 -6.55 -20.80 -6.34
C GLN D 47 -6.39 -19.89 -7.53
N VAL D 48 -6.13 -18.61 -7.28
CA VAL D 48 -5.99 -17.62 -8.34
C VAL D 48 -4.53 -17.20 -8.54
N SER D 49 -3.77 -16.99 -7.47
CA SER D 49 -2.35 -16.70 -7.63
C SER D 49 -1.61 -17.96 -8.08
N LEU D 50 -0.47 -17.77 -8.74
CA LEU D 50 0.32 -18.87 -9.28
C LEU D 50 1.02 -19.61 -8.14
N ARG D 51 0.25 -20.39 -7.41
CA ARG D 51 0.78 -21.20 -6.36
C ARG D 51 0.30 -22.61 -6.61
N CYS D 52 0.91 -23.50 -5.86
CA CYS D 52 1.01 -24.87 -6.08
C CYS D 52 0.86 -25.55 -4.72
N PRO D 53 0.06 -26.61 -4.60
CA PRO D 53 0.01 -27.32 -3.31
C PRO D 53 1.33 -27.95 -2.89
N SER D 54 2.34 -28.02 -3.76
CA SER D 54 3.53 -28.78 -3.41
C SER D 54 4.36 -28.11 -2.33
N GLN D 55 3.97 -26.92 -1.87
CA GLN D 55 4.73 -26.21 -0.87
C GLN D 55 3.97 -26.14 0.45
N THR D 56 2.75 -26.61 0.47
CA THR D 56 1.90 -26.58 1.65
C THR D 56 2.17 -27.76 2.58
N ARG D 57 1.92 -27.55 3.87
CA ARG D 57 1.83 -28.62 4.86
C ARG D 57 0.36 -28.73 5.24
N THR D 58 -0.16 -29.93 5.29
CA THR D 58 -1.56 -30.16 5.60
C THR D 58 -1.63 -30.77 6.98
N TYR D 59 -2.21 -30.01 7.91
CA TYR D 59 -2.51 -30.44 9.27
C TYR D 59 -3.95 -30.91 9.32
N MET D 60 -4.18 -32.03 10.00
CA MET D 60 -5.51 -32.60 10.10
C MET D 60 -5.81 -32.95 11.54
N PHE D 61 -6.98 -32.56 12.02
CA PHE D 61 -7.45 -33.04 13.31
C PHE D 61 -8.26 -34.31 13.06
N VAL D 62 -7.82 -35.43 13.63
CA VAL D 62 -8.43 -36.74 13.42
C VAL D 62 -9.22 -37.08 14.68
N SER D 63 -10.51 -37.35 14.54
CA SER D 63 -11.35 -37.67 15.69
C SER D 63 -11.01 -39.09 16.19
N ASN D 64 -11.56 -39.44 17.33
CA ASN D 64 -11.33 -40.78 17.84
C ASN D 64 -11.99 -41.86 17.00
N GLU D 65 -12.98 -41.50 16.19
CA GLU D 65 -13.53 -42.40 15.20
C GLU D 65 -12.74 -42.39 13.90
N LYS D 66 -11.54 -41.80 13.90
CA LYS D 66 -10.63 -41.84 12.76
C LYS D 66 -11.18 -41.08 11.56
N LYS D 67 -11.95 -40.03 11.82
CA LYS D 67 -12.48 -39.15 10.78
C LYS D 67 -11.77 -37.80 10.82
N ILE D 68 -11.46 -37.25 9.65
CA ILE D 68 -10.76 -35.97 9.55
C ILE D 68 -11.78 -34.85 9.70
N VAL D 69 -11.82 -34.26 10.89
CA VAL D 69 -12.83 -33.26 11.24
C VAL D 69 -12.28 -31.84 11.28
N GLY D 70 -11.01 -31.66 10.98
CA GLY D 70 -10.42 -30.34 10.94
C GLY D 70 -9.27 -30.43 9.99
N CYS D 71 -9.04 -29.35 9.29
CA CYS D 71 -7.95 -29.28 8.35
C CYS D 71 -7.41 -27.87 8.35
N LEU D 72 -6.11 -27.79 8.26
CA LEU D 72 -5.43 -26.51 8.20
C LEU D 72 -4.29 -26.68 7.19
N ILE D 73 -4.33 -25.88 6.13
CA ILE D 73 -3.28 -25.89 5.12
C ILE D 73 -2.40 -24.66 5.32
N ALA D 74 -1.11 -24.89 5.55
CA ALA D 74 -0.15 -23.84 5.84
C ALA D 74 0.94 -23.79 4.77
N GLU D 75 1.49 -22.61 4.56
CA GLU D 75 2.49 -22.40 3.51
C GLU D 75 3.49 -21.35 3.96
N PRO D 76 4.72 -21.42 3.48
CA PRO D 76 5.70 -20.40 3.86
C PRO D 76 5.39 -19.08 3.20
N ILE D 77 5.64 -18.00 3.93
CA ILE D 77 5.49 -16.63 3.46
C ILE D 77 6.63 -15.85 4.08
N ARG D 78 6.85 -14.64 3.56
CA ARG D 78 7.86 -13.76 4.11
C ARG D 78 7.30 -12.48 4.65
N GLU D 79 6.10 -12.06 4.22
CA GLU D 79 5.55 -10.79 4.62
C GLU D 79 4.04 -10.94 4.82
N ALA D 80 3.46 -10.02 5.60
CA ALA D 80 2.01 -9.96 5.79
C ALA D 80 1.60 -8.56 6.22
N TYR D 81 0.29 -8.35 6.32
CA TYR D 81 -0.26 -7.02 6.47
C TYR D 81 -1.35 -7.02 7.51
N ARG D 82 -1.41 -5.95 8.31
CA ARG D 82 -2.49 -5.82 9.27
C ARG D 82 -3.83 -5.76 8.51
N VAL D 83 -4.82 -6.52 8.99
CA VAL D 83 -6.13 -6.46 8.35
C VAL D 83 -6.81 -5.16 8.76
N LEU D 84 -7.37 -4.46 7.81
CA LEU D 84 -8.04 -3.22 8.15
C LEU D 84 -9.39 -3.21 7.45
N ALA D 85 -10.26 -2.34 7.95
CA ALA D 85 -11.59 -2.22 7.37
C ALA D 85 -11.52 -1.54 6.00
N GLU D 86 -12.31 -2.06 5.01
CA GLU D 86 -12.46 -1.52 3.65
C GLU D 86 -13.62 -0.53 3.65
N PRO D 87 -13.43 0.68 3.12
CA PRO D 87 -14.51 1.67 3.05
C PRO D 87 -15.70 1.12 2.29
N PRO D 88 -16.86 1.06 2.92
CA PRO D 88 -18.07 0.62 2.23
C PRO D 88 -18.48 1.63 1.18
N SER D 89 -19.23 1.14 0.20
CA SER D 89 -19.85 2.05 -0.75
C SER D 89 -20.99 2.78 -0.09
N LEU D 90 -21.12 4.06 -0.44
CA LEU D 90 -22.25 4.81 0.07
C LEU D 90 -23.56 4.18 -0.39
N HIS D 91 -23.58 3.68 -1.63
CA HIS D 91 -24.81 3.19 -2.22
C HIS D 91 -24.72 1.71 -2.55
N SER D 92 -25.84 1.01 -2.33
CA SER D 92 -26.00 -0.41 -2.66
C SER D 92 -25.23 -0.86 -3.89
N TRP D 104 -10.34 -7.90 4.54
CA TRP D 104 -10.70 -7.74 3.13
C TRP D 104 -9.89 -6.59 2.52
N ARG D 105 -9.25 -5.79 3.38
CA ARG D 105 -8.19 -4.88 2.95
C ARG D 105 -6.91 -5.09 3.74
N CYS D 106 -5.77 -4.91 3.05
CA CYS D 106 -4.46 -4.95 3.67
C CYS D 106 -3.98 -3.57 4.01
N SER D 107 -3.22 -3.53 5.08
CA SER D 107 -2.40 -2.38 5.33
C SER D 107 -1.36 -2.33 4.22
N THR D 108 -0.89 -1.14 3.90
CA THR D 108 0.12 -1.02 2.86
C THR D 108 1.54 -1.25 3.36
N GLU D 109 1.81 -1.10 4.65
CA GLU D 109 3.15 -1.36 5.19
C GLU D 109 3.28 -2.83 5.58
N PRO D 110 4.07 -3.62 4.86
CA PRO D 110 4.21 -5.04 5.20
C PRO D 110 4.99 -5.24 6.49
N GLU D 111 4.72 -6.36 7.13
CA GLU D 111 5.45 -6.81 8.31
C GLU D 111 6.01 -8.21 8.06
N PRO D 112 7.11 -8.56 8.71
CA PRO D 112 7.66 -9.91 8.53
C PRO D 112 6.69 -10.93 9.08
N ALA D 113 6.60 -12.05 8.38
CA ALA D 113 5.77 -13.18 8.83
C ALA D 113 6.38 -14.45 8.28
N ILE D 114 6.06 -15.57 8.92
CA ILE D 114 6.71 -16.84 8.63
C ILE D 114 5.75 -17.86 8.01
N CYS D 115 4.54 -17.96 8.56
CA CYS D 115 3.63 -19.03 8.22
C CYS D 115 2.30 -18.45 7.77
N GLY D 116 1.86 -18.85 6.57
CA GLY D 116 0.59 -18.44 6.02
C GLY D 116 -0.44 -19.54 6.14
N ILE D 117 -1.55 -19.23 6.80
CA ILE D 117 -2.67 -20.16 6.90
C ILE D 117 -3.51 -19.92 5.67
N SER D 118 -3.37 -20.83 4.72
CA SER D 118 -4.01 -20.70 3.41
C SER D 118 -5.46 -21.11 3.47
N ARG D 119 -5.76 -22.18 4.21
CA ARG D 119 -7.12 -22.58 4.46
C ARG D 119 -7.23 -23.16 5.86
N ILE D 120 -8.39 -22.95 6.46
CA ILE D 120 -8.70 -23.58 7.75
C ILE D 120 -10.18 -23.88 7.78
N TRP D 121 -10.51 -25.10 8.22
CA TRP D 121 -11.85 -25.61 8.13
C TRP D 121 -12.06 -26.60 9.28
N VAL D 122 -13.23 -26.52 9.90
CA VAL D 122 -13.66 -27.48 10.91
C VAL D 122 -15.08 -27.95 10.56
N PHE D 123 -15.28 -29.26 10.62
CA PHE D 123 -16.57 -29.90 10.39
C PHE D 123 -17.64 -29.20 11.21
N ALA D 124 -18.72 -28.81 10.53
CA ALA D 124 -19.71 -27.90 11.10
C ALA D 124 -20.25 -28.40 12.44
N LEU D 125 -20.58 -29.70 12.52
CA LEU D 125 -21.11 -30.23 13.78
C LEU D 125 -20.08 -30.29 14.90
N MET D 126 -18.82 -29.93 14.63
CA MET D 126 -17.75 -29.99 15.62
C MET D 126 -17.17 -28.63 15.94
N ARG D 127 -17.82 -27.56 15.52
CA ARG D 127 -17.25 -26.25 15.75
C ARG D 127 -17.45 -25.81 17.17
N ARG D 128 -16.67 -24.81 17.56
CA ARG D 128 -16.65 -24.26 18.91
C ARG D 128 -16.19 -25.30 19.95
N LYS D 129 -15.31 -26.24 19.53
CA LYS D 129 -14.67 -27.20 20.41
C LYS D 129 -13.16 -27.10 20.35
N ALA D 130 -12.65 -25.92 19.98
CA ALA D 130 -11.22 -25.60 19.98
C ALA D 130 -10.39 -26.48 19.01
N ILE D 131 -10.99 -27.04 17.98
CA ILE D 131 -10.24 -27.79 16.99
C ILE D 131 -9.35 -26.86 16.16
N ALA D 132 -9.93 -25.77 15.65
CA ALA D 132 -9.13 -24.81 14.92
C ALA D 132 -8.02 -24.18 15.77
N SER D 133 -8.34 -23.82 17.01
CA SER D 133 -7.30 -23.25 17.85
C SER D 133 -6.17 -24.26 18.08
N ARG D 134 -6.51 -25.52 18.33
CA ARG D 134 -5.46 -26.51 18.56
C ARG D 134 -4.65 -26.75 17.29
N MET D 135 -5.29 -26.67 16.12
CA MET D 135 -4.55 -26.82 14.88
C MET D 135 -3.58 -25.68 14.67
N VAL D 136 -3.97 -24.44 14.99
CA VAL D 136 -2.98 -23.37 14.86
C VAL D 136 -1.85 -23.55 15.90
N ASP D 137 -2.16 -23.96 17.13
CA ASP D 137 -1.08 -24.25 18.10
C ASP D 137 -0.08 -25.25 17.50
N ALA D 138 -0.61 -26.32 16.89
CA ALA D 138 0.26 -27.33 16.29
C ALA D 138 1.13 -26.75 15.18
N VAL D 139 0.55 -25.93 14.31
CA VAL D 139 1.35 -25.27 13.26
C VAL D 139 2.47 -24.45 13.89
N ARG D 140 2.14 -23.61 14.85
CA ARG D 140 3.13 -22.78 15.50
C ARG D 140 4.26 -23.61 16.10
N SER D 141 3.94 -24.81 16.61
CA SER D 141 4.94 -25.65 17.26
C SER D 141 5.81 -26.40 16.29
N SER D 142 5.36 -26.62 15.06
CA SER D 142 5.97 -27.62 14.20
C SER D 142 6.24 -27.13 12.80
N PHE D 143 5.81 -25.93 12.44
CA PHE D 143 5.95 -25.52 11.05
C PHE D 143 7.41 -25.27 10.70
N MET D 144 8.14 -24.65 11.61
CA MET D 144 9.52 -24.27 11.40
C MET D 144 10.40 -25.06 12.34
N TYR D 145 11.26 -25.91 11.77
CA TYR D 145 12.19 -26.71 12.55
C TYR D 145 12.89 -25.83 13.57
N GLY D 146 12.87 -26.27 14.83
CA GLY D 146 13.62 -25.59 15.85
C GLY D 146 13.03 -24.30 16.34
N SER D 147 11.76 -24.03 16.08
CA SER D 147 11.17 -22.80 16.55
C SER D 147 9.72 -23.04 16.94
N VAL D 148 9.21 -22.15 17.78
CA VAL D 148 7.80 -22.05 18.07
C VAL D 148 7.39 -20.65 17.65
N LEU D 149 6.53 -20.55 16.64
CA LEU D 149 6.05 -19.27 16.13
C LEU D 149 5.17 -18.58 17.15
N THR D 150 5.30 -17.26 17.24
CA THR D 150 4.36 -16.43 17.97
C THR D 150 3.13 -16.18 17.11
N THR D 151 2.10 -15.63 17.73
CA THR D 151 0.92 -15.24 16.96
C THR D 151 1.17 -14.05 16.04
N GLU D 152 2.29 -13.36 16.19
CA GLU D 152 2.66 -12.31 15.26
C GLU D 152 3.49 -12.82 14.08
N GLU D 153 3.81 -14.10 14.02
CA GLU D 153 4.57 -14.63 12.90
C GLU D 153 3.71 -15.46 11.96
N ILE D 154 2.39 -15.55 12.21
CA ILE D 154 1.46 -16.26 11.35
C ILE D 154 0.47 -15.27 10.72
N ALA D 155 -0.04 -15.60 9.54
CA ALA D 155 -1.02 -14.75 8.86
C ALA D 155 -2.09 -15.60 8.19
N PHE D 156 -3.22 -14.99 7.92
CA PHE D 156 -4.35 -15.70 7.35
C PHE D 156 -4.67 -15.23 5.94
N SER D 157 -4.95 -16.16 5.04
CA SER D 157 -5.28 -15.75 3.70
C SER D 157 -6.77 -15.40 3.61
N ASP D 158 -7.08 -14.24 3.01
CA ASP D 158 -8.44 -13.83 2.70
C ASP D 158 -9.48 -14.39 3.67
N PRO D 159 -9.60 -13.86 4.88
CA PRO D 159 -10.48 -14.47 5.89
C PRO D 159 -11.97 -14.33 5.58
N THR D 160 -12.70 -15.43 5.71
CA THR D 160 -14.15 -15.37 5.73
C THR D 160 -14.61 -14.69 7.01
N PRO D 161 -15.91 -14.42 7.13
CA PRO D 161 -16.42 -13.91 8.41
C PRO D 161 -16.15 -14.85 9.59
N ASP D 162 -16.45 -16.15 9.45
CA ASP D 162 -16.08 -17.11 10.49
C ASP D 162 -14.60 -16.98 10.84
N GLY D 163 -13.77 -16.93 9.80
CA GLY D 163 -12.34 -16.92 10.02
C GLY D 163 -11.87 -15.67 10.72
N LYS D 164 -12.47 -14.53 10.38
CA LYS D 164 -12.09 -13.31 11.05
C LYS D 164 -12.45 -13.36 12.52
N LEU D 165 -13.62 -13.91 12.85
CA LEU D 165 -13.96 -14.03 14.26
C LEU D 165 -13.00 -14.98 14.96
N PHE D 166 -12.67 -16.09 14.30
CA PHE D 166 -11.72 -17.01 14.94
C PHE D 166 -10.35 -16.37 15.08
N ALA D 167 -9.86 -15.74 14.03
CA ALA D 167 -8.49 -15.23 14.04
C ALA D 167 -8.30 -14.11 15.04
N SER D 168 -9.28 -13.20 15.11
CA SER D 168 -9.15 -12.09 16.05
C SER D 168 -9.14 -12.61 17.48
N THR D 169 -9.96 -13.62 17.78
CA THR D 169 -9.90 -14.21 19.12
C THR D 169 -8.57 -14.88 19.36
N TYR D 170 -8.13 -15.73 18.43
CA TYR D 170 -6.92 -16.52 18.61
C TYR D 170 -5.70 -15.62 18.71
N CYS D 171 -5.59 -14.63 17.83
CA CYS D 171 -4.48 -13.70 17.93
C CYS D 171 -4.73 -12.61 18.96
N LYS D 172 -5.93 -12.58 19.55
CA LYS D 172 -6.25 -11.63 20.61
C LYS D 172 -6.24 -10.16 20.15
N VAL D 173 -6.31 -9.91 18.84
CA VAL D 173 -6.35 -8.53 18.33
C VAL D 173 -7.27 -8.47 17.14
N PRO D 174 -7.92 -7.33 16.93
CA PRO D 174 -8.77 -7.20 15.75
C PRO D 174 -7.97 -7.07 14.46
N ASP D 175 -6.79 -6.48 14.53
CA ASP D 175 -5.94 -6.27 13.36
C ASP D 175 -4.81 -7.29 13.31
N PHE D 176 -5.18 -8.55 13.07
CA PHE D 176 -4.21 -9.64 12.86
C PHE D 176 -3.61 -9.55 11.45
N LEU D 177 -2.67 -10.43 11.13
CA LEU D 177 -1.98 -10.39 9.84
C LEU D 177 -2.72 -11.25 8.81
N VAL D 178 -2.78 -10.73 7.58
CA VAL D 178 -3.45 -11.36 6.44
C VAL D 178 -2.53 -11.26 5.22
N TYR D 179 -2.80 -12.10 4.23
CA TYR D 179 -2.01 -12.07 3.01
C TYR D 179 -2.88 -12.58 1.87
N ASN D 180 -2.28 -12.54 0.67
CA ASN D 180 -2.88 -12.99 -0.58
C ASN D 180 -4.40 -12.83 -0.62
N PHE D 181 -4.89 -11.76 -1.24
CA PHE D 181 -6.33 -11.58 -1.46
C PHE D 181 -6.68 -11.97 -2.89
N VAL D 182 -7.74 -12.77 -3.03
CA VAL D 182 -8.19 -13.23 -4.34
C VAL D 182 -8.50 -12.02 -5.22
N GLY E 5 -7.98 -7.29 23.92
CA GLY E 5 -8.97 -7.20 22.86
C GLY E 5 -9.24 -5.78 22.38
N ALA E 6 -10.27 -5.15 22.95
CA ALA E 6 -10.78 -3.88 22.45
C ALA E 6 -9.74 -2.77 22.56
N LYS E 7 -9.78 -1.85 21.59
CA LYS E 7 -8.77 -0.79 21.57
C LYS E 7 -9.10 0.41 22.47
N LYS E 8 -10.35 0.53 22.89
CA LYS E 8 -10.76 1.61 23.77
C LYS E 8 -10.17 1.33 25.13
N ASP E 9 -9.69 2.39 25.81
CA ASP E 9 -9.15 2.27 27.18
C ASP E 9 -10.33 2.35 28.13
N GLN E 10 -10.05 2.18 29.41
CA GLN E 10 -11.04 2.30 30.45
C GLN E 10 -10.84 3.65 31.12
N TYR E 11 -11.95 4.29 31.47
CA TYR E 11 -11.94 5.60 32.08
C TYR E 11 -12.81 5.54 33.32
N PHE E 12 -12.24 5.87 34.48
CA PHE E 12 -12.89 5.73 35.78
C PHE E 12 -12.91 7.07 36.51
N LEU E 13 -13.71 7.16 37.57
CA LEU E 13 -13.66 8.33 38.47
C LEU E 13 -12.53 8.14 39.47
N GLY F 5 -0.10 2.40 -11.95
CA GLY F 5 1.31 2.50 -11.62
C GLY F 5 2.24 1.51 -12.34
N ALA F 6 2.46 0.37 -11.69
CA ALA F 6 3.50 -0.57 -12.09
C ALA F 6 3.28 -1.14 -13.51
N LYS F 7 4.39 -1.38 -14.20
CA LYS F 7 4.35 -1.84 -15.58
C LYS F 7 4.19 -3.37 -15.74
N LYS F 8 4.35 -4.12 -14.65
CA LYS F 8 4.21 -5.56 -14.70
C LYS F 8 2.74 -5.88 -14.86
N ASP F 9 2.38 -6.87 -15.68
CA ASP F 9 0.95 -7.28 -15.84
C ASP F 9 0.63 -8.22 -14.70
N GLN F 10 -0.62 -8.65 -14.62
CA GLN F 10 -1.06 -9.62 -13.63
C GLN F 10 -1.21 -10.97 -14.32
N TYR F 11 -0.80 -12.01 -13.61
CA TYR F 11 -0.84 -13.37 -14.15
C TYR F 11 -1.54 -14.24 -13.12
N PHE F 12 -2.63 -14.88 -13.54
CA PHE F 12 -3.49 -15.66 -12.65
C PHE F 12 -3.64 -17.09 -13.19
N LEU F 13 -4.14 -17.99 -12.35
CA LEU F 13 -4.51 -19.34 -12.79
C LEU F 13 -5.85 -19.33 -13.51
N LYS G 7 19.28 19.06 -6.75
CA LYS G 7 18.62 19.84 -5.71
C LYS G 7 18.27 18.91 -4.50
N LYS H 7 -15.09 -15.75 -0.39
CA LYS H 7 -15.23 -17.17 -0.12
C LYS H 7 -16.00 -17.47 1.21
O1 8HB I . -6.33 14.23 10.61
P2 8HB I . -7.01 14.35 11.97
O3 8HB I . -7.48 12.89 12.53
P4 8HB I . -7.81 11.66 11.55
O5 8HB I . -8.68 10.61 12.46
C6 8HB I . -8.20 10.45 13.77
C7 8HB I . -8.82 9.13 14.28
C8 8HB I . -8.59 9.10 15.78
C9 8HB I . -10.35 9.14 14.01
C10 8HB I . -8.06 7.98 13.52
O11 8HB I . -6.82 7.86 14.13
C12 8HB I . -8.73 6.62 13.57
N13 8HB I . -8.11 5.56 14.38
C14 8HB I . -8.71 4.24 14.39
C15 8HB I . -10.04 4.22 15.16
C16 8HB I . -9.95 4.98 16.50
N17 8HB I . -10.89 6.09 16.69
C18 8HB I . -10.94 6.84 17.95
C19 8HB I . -12.13 6.28 18.79
S20 8HB I . -12.12 7.19 20.34
C21 8HB I . -13.85 7.09 20.93
C22 8HB I . -14.88 7.95 20.18
C23 8HB I . -14.36 5.67 20.75
O33 8HB I . -14.71 5.27 19.68
O34 8HB I . -9.18 4.70 17.37
O35 8HB I . -9.70 6.38 12.96
O36 8HB I . -8.58 11.93 10.29
O37 8HB I . -6.56 10.95 11.16
O38 8HB I . -8.19 15.29 11.85
O39 8HB I . -5.99 14.92 13.12
C40 8HB I . -6.02 16.24 13.63
C41 8HB I . -4.94 16.23 14.73
C42 8HB I . -3.51 15.87 14.05
O43 8HB I . -3.02 17.10 13.39
P44 8HB I . -1.84 16.93 12.27
O45 8HB I . -2.04 15.78 11.37
O46 8HB I . -1.66 18.17 11.44
O47 8HB I . -0.60 16.62 13.12
C48 8HB I . -2.78 15.44 15.07
O49 8HB I . -2.24 16.53 15.95
C50 8HB I . -3.76 14.72 16.00
N51 8HB I . -3.54 13.39 15.86
C52 8HB I . -4.55 12.88 15.14
N53 8HB I . -4.34 11.57 14.94
C54 8HB I . -3.18 11.29 15.57
C55 8HB I . -2.68 12.41 16.11
N56 8HB I . -1.53 12.41 16.80
C57 8HB I . -0.84 11.24 16.93
N58 8HB I . -1.31 10.10 16.38
C59 8HB I . -2.47 10.12 15.72
N60 8HB I . -2.52 8.71 15.37
O61 8HB I . -5.15 15.26 15.56
H1 8HB I . -8.48 11.17 14.31
H2 8HB I . -7.26 10.39 13.77
H3 8HB I . -7.67 9.10 15.95
H4 8HB I . -8.99 9.85 16.17
H5 8HB I . -8.97 8.31 16.15
H6 8HB I . -10.50 9.20 13.07
H7 8HB I . -10.74 8.35 14.33
H8 8HB I . -10.74 9.87 14.43
H9 8HB I . -7.95 8.23 12.63
H10 8HB I . -6.23 8.15 13.60
H11 8HB I . -7.37 5.72 14.82
H12 8HB I . -8.86 3.97 13.50
H13 8HB I . -8.11 3.64 14.79
H14 8HB I . -10.27 3.33 15.32
H15 8HB I . -10.69 4.61 14.62
H16 8HB I . -11.47 6.27 16.06
H17 8HB I . -11.08 7.75 17.77
H18 8HB I . -10.13 6.73 18.41
H19 8HB I . -12.94 6.41 18.34
H20 8HB I . -12.00 5.36 18.96
H21 8HB I . -13.87 7.31 21.84
H22 8HB I . -14.87 7.74 19.27
H23 8HB I . -15.74 7.78 20.53
H24 8HB I . -14.67 8.86 20.29
H40 8HB I . -5.80 16.85 12.96
H41 8HB I . -6.86 16.43 14.00
H42 8HB I . -4.89 17.05 15.16
H43 8HB I . -3.62 15.18 13.42
H46 8HB I . -2.09 14.86 14.78
H47 8HB I . -1.56 16.27 16.33
H48 8HB I . -3.61 14.97 16.88
H49 8HB I . -5.34 12.84 14.66
H50 8HB I . -0.04 11.23 17.40
H51 8HB I . -2.87 8.13 15.92
H52 8HB I . -2.21 8.44 14.60
O1 8HB J . 18.02 -7.12 -27.34
P2 8HB J . 17.25 -8.17 -26.59
O3 8HB J . 16.44 -7.45 -25.35
P4 8HB J . 16.91 -6.08 -24.61
O5 8HB J . 16.09 -6.11 -23.22
C6 8HB J . 14.72 -6.48 -23.26
C7 8HB J . 14.10 -5.93 -21.93
C8 8HB J . 12.71 -6.57 -21.83
C9 8HB J . 14.95 -6.36 -20.71
C10 8HB J . 14.03 -4.38 -22.12
O11 8HB J . 13.03 -4.04 -23.03
C12 8HB J . 13.76 -3.57 -20.85
N13 8HB J . 12.45 -2.91 -20.67
C14 8HB J . 12.18 -2.07 -19.50
C15 8HB J . 12.05 -2.88 -18.21
C16 8HB J . 11.21 -4.16 -18.47
N17 8HB J . 11.90 -5.43 -18.21
C18 8HB J . 11.12 -6.66 -18.40
C19 8HB J . 10.66 -7.05 -16.97
S20 8HB J . 9.69 -8.60 -17.07
C21 8HB J . 9.88 -9.44 -15.47
C22 8HB J . 11.24 -10.11 -15.22
C23 8HB J . 9.75 -8.43 -14.34
O33 8HB J . 10.68 -7.74 -14.06
O34 8HB J . 10.09 -4.17 -18.85
O35 8HB J . 14.58 -3.42 -20.05
O36 8HB J . 16.50 -4.87 -25.42
O37 8HB J . 18.38 -5.87 -24.21
O38 8HB J . 18.14 -9.28 -26.11
O39 8HB J . 16.05 -8.78 -27.53
C40 8HB J . 16.06 -10.09 -28.07
C41 8HB J . 14.68 -10.24 -28.74
C42 8HB J . 14.56 -9.10 -29.87
O43 8HB J . 15.40 -9.52 -31.00
P44 8HB J . 15.78 -8.41 -32.15
O45 8HB J . 16.91 -8.91 -33.04
O46 8HB J . 16.23 -7.06 -31.74
O47 8HB J . 14.46 -8.25 -32.89
C48 8HB J . 13.25 -9.05 -30.11
O49 8HB J . 12.69 -10.20 -30.87
C50 8HB J . 12.59 -9.30 -28.73
N51 8HB J . 12.14 -8.12 -28.28
C52 8HB J . 12.97 -7.75 -27.30
N53 8HB J . 12.60 -6.53 -26.84
C54 8HB J . 11.53 -6.18 -27.55
C55 8HB J . 11.25 -7.14 -28.46
N56 8HB J . 10.22 -7.02 -29.32
C57 8HB J . 9.45 -5.90 -29.28
N58 8HB J . 9.70 -4.92 -28.37
C59 8HB J . 10.72 -5.06 -27.51
N60 8HB J . 10.57 -3.81 -26.79
O61 8HB J . 13.71 -9.96 -27.91
H1 8HB J . 14.30 -6.08 -24.01
H2 8HB J . 14.64 -7.41 -23.29
H3 8HB J . 12.19 -6.32 -22.57
H4 8HB J . 12.80 -7.51 -21.82
H5 8HB J . 12.29 -6.29 -21.03
H6 8HB J . 15.82 -6.00 -20.79
H7 8HB J . 14.56 -6.04 -19.92
H8 8HB J . 15.00 -7.30 -20.68
H9 8HB J . 14.85 -4.10 -22.47
H10 8HB J . 13.37 -4.02 -23.80
H11 8HB J . 11.84 -2.99 -21.29
H12 8HB J . 11.38 -1.59 -19.65
H13 8HB J . 12.88 -1.45 -19.41
H14 8HB J . 12.90 -3.12 -17.90
H15 8HB J . 11.61 -2.35 -17.55
H16 8HB J . 12.72 -5.45 -17.91
H17 8HB J . 10.37 -6.51 -18.95
H18 8HB J . 11.65 -7.34 -18.76
H19 8HB J . 10.12 -6.37 -16.62
H20 8HB J . 11.40 -7.18 -16.42
H21 8HB J . 9.21 -10.08 -15.37
H22 8HB J . 11.93 -9.48 -15.32
H23 8HB J . 11.26 -10.45 -14.34
H24 8HB J . 11.37 -10.81 -15.83
H40 8HB J . 16.17 -10.72 -27.39
H41 8HB J . 16.74 -10.17 -28.71
H42 8HB J . 14.57 -11.09 -29.11
H43 8HB J . 14.86 -8.27 -29.54
H46 8HB J . 12.99 -8.23 -30.48
H47 8HB J . 12.02 -9.96 -31.30
H48 8HB J . 11.87 -9.89 -28.83
H49 8HB J . 13.67 -7.78 -26.69
H50 8HB J . 8.72 -5.81 -29.86
H51 8HB J . 11.10 -3.14 -26.98
H52 8HB J . 9.96 -3.72 -26.19
O1 8HB K . 0.63 15.80 -0.71
P2 8HB K . 1.14 15.80 -2.12
O3 8HB K . 2.61 16.49 -2.15
P4 8HB K . 3.27 17.57 -1.14
O5 8HB K . 4.58 18.20 -1.90
C6 8HB K . 5.39 17.31 -2.60
C7 8HB K . 6.75 18.05 -2.75
C8 8HB K . 7.64 17.14 -3.63
C9 8HB K . 6.60 19.43 -3.44
C10 8HB K . 7.28 18.20 -1.28
O11 8HB K . 7.72 16.95 -0.84
C12 8HB K . 8.45 19.16 -1.07
N13 8HB K . 9.75 18.48 -0.97
C14 8HB K . 11.00 19.19 -0.72
C15 8HB K . 11.37 20.10 -1.90
C16 8HB K . 11.35 19.21 -3.16
N17 8HB K . 10.45 19.61 -4.23
C18 8HB K . 10.37 18.81 -5.47
C19 8HB K . 11.28 19.53 -6.49
S20 8HB K . 11.23 18.65 -8.11
C21 8HB K . 11.77 19.89 -9.36
C22 8HB K . 10.60 20.69 -9.99
C23 8HB K . 12.65 20.89 -8.68
O33 8HB K . 12.20 21.87 -8.17
O34 8HB K . 12.03 18.26 -3.31
O35 8HB K . 8.38 20.36 -0.93
O36 8HB K . 2.25 18.68 -0.93
O37 8HB K . 3.71 16.86 0.09
O38 8HB K . 0.19 16.42 -3.14
O39 8HB K . 1.44 14.24 -2.59
C40 8HB K . 0.67 13.54 -3.50
C41 8HB K . 1.25 12.10 -3.56
C42 8HB K . 1.28 11.39 -2.11
O43 8HB K . -0.06 10.86 -1.82
P44 8HB K . -0.42 10.50 -0.24
O45 8HB K . -1.92 10.34 -0.20
O46 8HB K . 0.02 11.54 0.73
O47 8HB K . 0.35 9.21 0.01
C48 8HB K . 2.17 10.43 -2.28
O49 8HB K . 1.68 9.30 -3.15
C50 8HB K . 3.22 11.03 -3.20
N51 8HB K . 4.27 11.46 -2.49
C52 8HB K . 4.25 12.78 -2.44
N53 8HB K . 5.32 13.21 -1.74
C54 8HB K . 5.97 12.13 -1.35
C55 8HB K . 5.33 11.05 -1.83
N56 8HB K . 5.76 9.79 -1.62
C57 8HB K . 6.88 9.63 -0.90
N58 8HB K . 7.55 10.71 -0.43
C59 8HB K . 7.12 11.92 -0.65
N60 8HB K . 8.19 12.63 0.05
O61 8HB K . 2.49 12.11 -3.97
H1 8HB K . 5.02 17.13 -3.45
H2 8HB K . 5.49 16.51 -2.12
H3 8HB K . 7.22 17.00 -4.46
H4 8HB K . 7.76 16.31 -3.20
H5 8HB K . 8.47 17.55 -3.76
H6 8HB K . 6.05 19.98 -2.92
H7 8HB K . 6.22 19.33 -4.29
H8 8HB K . 7.45 19.83 -3.53
H9 8HB K . 6.56 18.48 -0.74
H10 8HB K . 7.22 16.68 -0.21
H11 8HB K . 9.77 17.61 -1.05
H12 8HB K . 11.68 18.56 -0.58
H13 8HB K . 10.90 19.72 0.05
H14 8HB K . 10.74 20.79 -1.98
H15 8HB K . 12.23 20.45 -1.76
H16 8HB K . 9.95 20.30 -4.13
H17 8HB K . 9.49 18.79 -5.78
H18 8HB K . 10.68 17.94 -5.31
H19 8HB K . 10.98 20.41 -6.61
H20 8HB K . 12.16 19.54 -6.18
H21 8HB K . 12.26 19.46 -10.04
H22 8HB K . 9.99 20.10 -10.39
H23 8HB K . 10.94 21.27 -10.64
H24 8HB K . 10.17 21.18 -9.34
H40 8HB K . 0.73 13.93 -4.36
H41 8HB K . -0.23 13.51 -3.21
H42 8HB K . 0.74 11.58 -4.14
H43 8HB K . 1.56 11.99 -1.44
H46 8HB K . 2.53 10.13 -1.47
H47 8HB K . 2.08 8.60 -2.93
H48 8HB K . 3.51 10.37 -3.80
H49 8HB K . 3.96 13.66 -2.59
H50 8HB K . 7.21 8.78 -0.73
H51 8HB K . 8.92 12.83 -0.38
H52 8HB K . 8.10 12.84 0.88
O1 8HB L . -13.30 -23.54 18.62
P2 8HB L . -12.43 -22.63 17.83
O3 8HB L . -12.80 -22.60 16.29
P4 8HB L . -13.48 -23.73 15.43
O5 8HB L . -13.18 -23.36 13.87
C6 8HB L . -13.24 -21.99 13.49
C7 8HB L . -13.43 -21.99 11.95
C8 8HB L . -13.38 -20.53 11.39
C9 8HB L . -12.34 -22.83 11.26
C10 8HB L . -14.82 -22.65 11.70
O11 8HB L . -15.81 -21.72 12.06
C12 8HB L . -15.11 -23.04 10.24
N13 8HB L . -16.01 -22.15 9.49
C14 8HB L . -16.46 -22.41 8.13
C15 8HB L . -15.27 -22.35 7.14
C16 8HB L . -14.50 -21.03 7.37
N17 8HB L . -13.11 -21.19 7.75
C18 8HB L . -12.32 -19.98 8.00
C19 8HB L . -11.54 -19.73 6.69
S20 8HB L . -10.52 -18.20 6.85
C21 8HB L . -9.34 -18.32 5.45
C22 8HB L . -7.99 -18.83 6.04
C23 8HB L . -9.77 -19.25 4.32
O33 8HB L . -9.56 -20.41 4.42
O34 8HB L . -14.99 -19.94 7.26
O35 8HB L . -14.69 -24.03 9.72
O36 8HB L . -14.95 -23.73 15.58
O37 8HB L . -12.85 -25.06 15.70
O38 8HB L . -10.97 -22.90 18.05
O39 8HB L . -12.73 -21.04 18.29
C40 8HB L . -11.86 -20.36 19.16
C41 8HB L . -12.56 -19.01 19.37
C42 8HB L . -14.06 -19.14 19.96
O43 8HB L . -13.98 -19.40 21.40
P44 8HB L . -15.31 -19.99 22.18
O45 8HB L . -15.92 -21.20 21.53
O46 8HB L . -14.80 -20.45 23.53
O47 8HB L . -16.31 -18.85 22.21
C48 8HB L . -14.59 -17.97 19.70
O49 8HB L . -14.12 -16.88 20.62
C50 8HB L . -13.99 -17.58 18.35
N51 8HB L . -14.88 -17.82 17.41
C52 8HB L . -14.44 -18.88 16.74
N53 8HB L . -15.31 -19.21 15.76
C54 8HB L . -16.30 -18.32 15.87
C55 8HB L . -16.06 -17.48 16.88
N56 8HB L . -16.90 -16.48 17.21
C57 8HB L . -18.03 -16.35 16.49
N58 8HB L . -18.29 -17.21 15.46
C59 8HB L . -17.45 -18.18 15.15
N60 8HB L . -18.15 -18.78 14.01
O61 8HB L . -12.75 -18.45 18.22
H1 8HB L . -12.43 -21.56 13.72
H2 8HB L . -13.96 -21.56 13.91
H3 8HB L . -14.07 -20.02 11.77
H4 8HB L . -12.56 -20.14 11.61
H5 8HB L . -13.48 -20.55 10.45
H6 8HB L . -11.49 -22.48 11.47
H7 8HB L . -12.39 -23.72 11.56
H8 8HB L . -12.45 -22.80 10.33
H9 8HB L . -14.89 -23.42 12.25
H10 8HB L . -16.20 -21.98 12.76
H11 8HB L . -16.33 -21.46 9.91
H12 8HB L . -17.10 -21.76 7.89
H13 8HB L . -16.85 -23.26 8.08
H14 8HB L . -15.58 -22.38 6.26
H15 8HB L . -14.69 -23.07 7.29
H16 8HB L . -12.76 -21.97 7.83
H17 8HB L . -12.87 -19.25 8.20
H18 8HB L . -11.72 -20.13 8.71
H19 8HB L . -12.14 -19.62 5.98
H20 8HB L . -10.98 -20.46 6.51
H21 8HB L . -9.20 -17.45 5.10
H22 8HB L . -7.37 -18.91 5.36
H23 8HB L . -7.68 -18.21 6.68
H24 8HB L . -8.14 -19.66 6.45
H40 8HB L . -11.02 -20.24 18.75
H41 8HB L . -11.77 -20.82 19.97
H42 8HB L . -12.04 -18.45 19.93
H43 8HB L . -14.52 -19.84 19.51
H46 8HB L . -15.54 -18.01 19.65
H47 8HB L . -14.67 -16.27 20.62
H48 8HB L . -13.75 -16.67 18.36
H49 8HB L . -13.87 -19.58 16.49
H50 8HB L . -18.63 -15.68 16.69
H51 8HB L . -18.72 -19.43 14.13
H52 8HB L . -18.00 -18.48 13.20
#